data_4EQW
#
_entry.id   4EQW
#
_cell.length_a   76.200
_cell.length_b   65.520
_cell.length_c   94.710
_cell.angle_alpha   90.000
_cell.angle_beta   104.780
_cell.angle_gamma   90.000
#
_symmetry.space_group_name_H-M   'P 1 21 1'
#
loop_
_entity.id
_entity.type
_entity.pdbx_description
1 polymer 'Coenzyme A disulfide reductase'
2 non-polymer 'MAGNESIUM ION'
3 non-polymer 'CHLORIDE ION'
4 non-polymer 'COENZYME A'
5 non-polymer 'FLAVIN-ADENINE DINUCLEOTIDE'
6 water water
#
_entity_poly.entity_id   1
_entity_poly.type   'polypeptide(L)'
_entity_poly.pdbx_seq_one_letter_code
;PKIVVVGAVAGGATCASQIRRLDKESDIIIFEKDRDMSFANCALPYVIGEVVEDRRYALAYTPEKFYDRKQITVKTYHEV
IAINDERQTVSVLNRKTNEQFEESYDKLILSPGASANSLGFESDITFTLRNLEDTDAIDQFIKANQVDKVLVVGAGYVSL
EVLENLYERGLHPTLIHRSDKINKLMDADMNQPILDELDKREIPYRLNEEINAINGNEITFKSGKVEHYDMIIEGVGTHP
NSKFIESSNIKLDRKGFIPVNDKFETNVPNIYAIGDIATSHYRHVDLPASVPLAWGAHRAASIVAEQIAGNDTIEFKGFL
GNNIVKFFDYTFASVGVKPNELKQFDYKMVEVTQGAHANFYPGNSPLHLRVYYDTSNRQILRAAAVGKEGADKRIDVLSM
AMMNQLTVDELTEFEVAFAPPYSHPKDLINMIGYKAK
;
_entity_poly.pdbx_strand_id   A,B
#
loop_
_chem_comp.id
_chem_comp.type
_chem_comp.name
_chem_comp.formula
CL non-polymer 'CHLORIDE ION' 'Cl -1'
COA non-polymer 'COENZYME A' 'C21 H36 N7 O16 P3 S'
FAD non-polymer 'FLAVIN-ADENINE DINUCLEOTIDE' 'C27 H33 N9 O15 P2'
MG non-polymer 'MAGNESIUM ION' 'Mg 2'
#
# COMPACT_ATOMS: atom_id res chain seq x y z
N PRO A 1 -37.20 -15.55 -4.24
CA PRO A 1 -38.21 -14.55 -3.84
C PRO A 1 -38.24 -13.39 -4.83
N LYS A 2 -39.41 -12.76 -4.99
CA LYS A 2 -39.53 -11.57 -5.81
C LYS A 2 -38.81 -10.41 -5.13
N ILE A 3 -37.82 -9.85 -5.80
CA ILE A 3 -36.97 -8.82 -5.25
C ILE A 3 -37.21 -7.47 -5.93
N VAL A 4 -37.48 -6.44 -5.13
CA VAL A 4 -37.58 -5.07 -5.61
C VAL A 4 -36.46 -4.25 -5.00
N VAL A 5 -35.73 -3.53 -5.83
CA VAL A 5 -34.64 -2.66 -5.39
C VAL A 5 -34.98 -1.22 -5.74
N VAL A 6 -34.75 -0.31 -4.80
CA VAL A 6 -34.95 1.12 -5.04
C VAL A 6 -33.61 1.84 -5.17
N GLY A 7 -33.33 2.36 -6.37
CA GLY A 7 -32.05 2.98 -6.68
C GLY A 7 -31.19 2.02 -7.49
N ALA A 8 -30.70 2.46 -8.64
CA ALA A 8 -29.99 1.55 -9.54
C ALA A 8 -28.54 1.90 -9.75
N VAL A 9 -27.84 2.26 -8.67
CA VAL A 9 -26.45 2.67 -8.79
C VAL A 9 -25.51 1.91 -7.83
N ALA A 10 -24.74 2.61 -7.00
CA ALA A 10 -23.63 1.95 -6.31
C ALA A 10 -24.07 0.81 -5.41
N GLY A 11 -25.10 1.05 -4.60
CA GLY A 11 -25.66 0.01 -3.77
C GLY A 11 -26.65 -0.88 -4.52
N GLY A 12 -27.58 -0.26 -5.24
CA GLY A 12 -28.72 -0.99 -5.78
C GLY A 12 -28.43 -1.92 -6.95
N ALA A 13 -27.77 -1.40 -7.97
CA ALA A 13 -27.42 -2.23 -9.12
C ALA A 13 -26.43 -3.32 -8.70
N THR A 14 -25.50 -2.97 -7.82
CA THR A 14 -24.53 -3.94 -7.33
C THR A 14 -25.22 -5.06 -6.56
N CYS A 15 -26.16 -4.70 -5.69
CA CYS A 15 -26.83 -5.71 -4.88
C CYS A 15 -27.64 -6.65 -5.78
N ALA A 16 -28.39 -6.07 -6.72
CA ALA A 16 -29.16 -6.88 -7.65
C ALA A 16 -28.25 -7.84 -8.41
N SER A 17 -27.13 -7.32 -8.89
CA SER A 17 -26.15 -8.15 -9.60
C SER A 17 -25.63 -9.28 -8.71
N GLN A 18 -25.32 -8.98 -7.46
CA GLN A 18 -24.79 -9.98 -6.53
C GLN A 18 -25.83 -11.06 -6.20
N ILE A 19 -27.10 -10.67 -6.14
CA ILE A 19 -28.15 -11.65 -5.91
C ILE A 19 -28.25 -12.60 -7.10
N ARG A 20 -28.18 -12.05 -8.31
CA ARG A 20 -28.28 -12.88 -9.52
C ARG A 20 -27.14 -13.91 -9.59
N ARG A 21 -25.97 -13.54 -9.10
CA ARG A 21 -24.84 -14.48 -9.07
C ARG A 21 -25.21 -15.76 -8.33
N LEU A 22 -26.00 -15.60 -7.26
CA LEU A 22 -26.37 -16.71 -6.39
C LEU A 22 -27.70 -17.34 -6.75
N ASP A 23 -28.51 -16.63 -7.50
CA ASP A 23 -29.90 -17.02 -7.70
C ASP A 23 -30.34 -16.63 -9.10
N LYS A 24 -30.54 -17.62 -9.96
CA LYS A 24 -30.87 -17.37 -11.35
C LYS A 24 -32.37 -17.47 -11.60
N GLU A 25 -33.13 -17.80 -10.56
CA GLU A 25 -34.56 -18.05 -10.70
C GLU A 25 -35.45 -16.88 -10.29
N SER A 26 -35.07 -16.19 -9.22
CA SER A 26 -35.89 -15.10 -8.68
C SER A 26 -36.07 -13.94 -9.65
N ASP A 27 -37.25 -13.35 -9.65
CA ASP A 27 -37.49 -12.13 -10.42
C ASP A 27 -36.88 -10.97 -9.65
N ILE A 28 -36.12 -10.13 -10.35
CA ILE A 28 -35.51 -8.94 -9.74
C ILE A 28 -35.84 -7.69 -10.57
N ILE A 29 -36.43 -6.70 -9.92
CA ILE A 29 -36.72 -5.43 -10.59
C ILE A 29 -36.14 -4.26 -9.79
N ILE A 30 -35.51 -3.33 -10.50
CA ILE A 30 -34.98 -2.11 -9.89
C ILE A 30 -35.71 -0.88 -10.43
N PHE A 31 -36.13 0.00 -9.54
CA PHE A 31 -36.68 1.29 -9.95
C PHE A 31 -35.67 2.41 -9.74
N GLU A 32 -35.46 3.22 -10.78
CA GLU A 32 -34.53 4.35 -10.70
C GLU A 32 -35.25 5.61 -11.17
N LYS A 33 -35.29 6.64 -10.33
CA LYS A 33 -36.12 7.81 -10.63
C LYS A 33 -35.55 8.66 -11.77
N ASP A 34 -34.23 8.60 -11.95
CA ASP A 34 -33.58 9.44 -12.95
C ASP A 34 -33.29 8.67 -14.25
N ARG A 35 -32.56 9.30 -15.16
CA ARG A 35 -32.36 8.76 -16.51
C ARG A 35 -31.44 7.55 -16.58
N ASP A 36 -30.40 7.52 -15.75
CA ASP A 36 -29.31 6.56 -15.92
C ASP A 36 -29.16 5.60 -14.77
N MET A 37 -28.92 4.33 -15.08
CA MET A 37 -28.48 3.37 -14.06
C MET A 37 -26.96 3.19 -14.13
N SER A 38 -26.37 2.77 -13.02
CA SER A 38 -24.97 2.35 -13.01
C SER A 38 -23.98 3.38 -13.53
N PHE A 39 -24.25 4.67 -13.31
CA PHE A 39 -23.28 5.70 -13.68
C PHE A 39 -22.14 5.69 -12.68
N ALA A 40 -20.96 6.11 -13.12
CA ALA A 40 -19.79 6.11 -12.26
C ALA A 40 -19.74 7.38 -11.43
N ASN A 41 -20.38 7.36 -10.26
CA ASN A 41 -20.47 8.55 -9.41
C ASN A 41 -19.10 9.18 -9.23
N CYS A 42 -18.13 8.32 -8.99
CA CYS A 42 -16.78 8.84 -8.62
CA CYS A 42 -16.84 8.83 -8.65
C CYS A 42 -16.01 9.34 -9.83
N ALA A 43 -16.49 9.06 -11.03
CA ALA A 43 -15.87 9.55 -12.25
C ALA A 43 -16.35 10.94 -12.64
N LEU A 44 -17.48 11.36 -12.07
CA LEU A 44 -18.13 12.59 -12.56
C LEU A 44 -17.23 13.83 -12.56
N PRO A 45 -16.43 14.06 -11.50
CA PRO A 45 -15.58 15.25 -11.55
C PRO A 45 -14.59 15.18 -12.70
N TYR A 46 -14.16 13.98 -13.04
CA TYR A 46 -13.17 13.79 -14.07
C TYR A 46 -13.76 13.89 -15.47
N VAL A 47 -15.06 13.60 -15.57
CA VAL A 47 -15.78 13.85 -16.82
C VAL A 47 -15.83 15.36 -17.06
N ILE A 48 -16.12 16.11 -16.00
CA ILE A 48 -16.13 17.57 -16.10
C ILE A 48 -14.75 18.10 -16.51
N GLY A 49 -13.69 17.47 -16.01
CA GLY A 49 -12.34 17.89 -16.31
C GLY A 49 -11.84 17.44 -17.67
N GLU A 50 -12.68 16.68 -18.38
CA GLU A 50 -12.31 16.13 -19.68
C GLU A 50 -11.11 15.21 -19.57
N VAL A 51 -10.85 14.76 -18.35
CA VAL A 51 -9.86 13.72 -18.07
C VAL A 51 -10.47 12.40 -18.51
N VAL A 52 -11.76 12.27 -18.29
CA VAL A 52 -12.53 11.16 -18.83
C VAL A 52 -13.30 11.66 -20.05
N GLU A 53 -12.77 11.36 -21.23
CA GLU A 53 -13.36 11.81 -22.48
C GLU A 53 -14.43 10.82 -22.93
N ASP A 54 -14.08 9.54 -22.89
CA ASP A 54 -14.95 8.46 -23.36
C ASP A 54 -16.13 8.28 -22.41
N ARG A 55 -17.28 8.85 -22.77
CA ARG A 55 -18.47 8.79 -21.91
C ARG A 55 -18.88 7.35 -21.61
N ARG A 56 -18.29 6.41 -22.35
CA ARG A 56 -18.49 4.99 -22.10
C ARG A 56 -17.89 4.61 -20.74
N TYR A 57 -17.01 5.46 -20.24
CA TYR A 57 -16.37 5.27 -18.94
C TYR A 57 -17.28 5.72 -17.80
N ALA A 58 -18.26 6.54 -18.12
CA ALA A 58 -19.11 7.16 -17.11
C ALA A 58 -20.41 6.39 -16.89
N LEU A 59 -20.67 5.42 -17.75
CA LEU A 59 -21.91 4.65 -17.68
C LEU A 59 -21.58 3.18 -17.94
N ALA A 60 -21.89 2.31 -16.98
CA ALA A 60 -21.51 0.90 -17.10
C ALA A 60 -22.56 0.04 -17.79
N TYR A 61 -23.81 0.48 -17.71
CA TYR A 61 -24.93 -0.31 -18.23
C TYR A 61 -26.10 0.54 -18.64
N THR A 62 -26.86 0.05 -19.63
CA THR A 62 -28.21 0.51 -19.88
C THR A 62 -29.14 -0.58 -19.35
N PRO A 63 -30.42 -0.24 -19.13
CA PRO A 63 -31.37 -1.28 -18.71
C PRO A 63 -31.43 -2.47 -19.68
N GLU A 64 -31.40 -2.20 -20.99
CA GLU A 64 -31.46 -3.28 -21.97
C GLU A 64 -30.26 -4.23 -21.83
N LYS A 65 -29.07 -3.66 -21.66
CA LYS A 65 -27.86 -4.46 -21.49
C LYS A 65 -27.90 -5.24 -20.19
N PHE A 66 -28.41 -4.61 -19.14
CA PHE A 66 -28.49 -5.25 -17.83
C PHE A 66 -29.40 -6.48 -17.89
N TYR A 67 -30.49 -6.37 -18.65
CA TYR A 67 -31.40 -7.50 -18.77
C TYR A 67 -30.81 -8.60 -19.64
N ASP A 68 -30.07 -8.20 -20.68
CA ASP A 68 -29.42 -9.16 -21.57
C ASP A 68 -28.40 -10.02 -20.83
N ARG A 69 -27.56 -9.36 -20.04
CA ARG A 69 -26.47 -10.05 -19.34
C ARG A 69 -26.92 -10.72 -18.04
N LYS A 70 -27.86 -10.09 -17.33
CA LYS A 70 -28.19 -10.52 -15.97
C LYS A 70 -29.66 -10.87 -15.73
N GLN A 71 -30.50 -10.68 -16.75
CA GLN A 71 -31.92 -10.96 -16.60
C GLN A 71 -32.54 -10.20 -15.42
N ILE A 72 -32.07 -8.98 -15.21
CA ILE A 72 -32.63 -8.11 -14.19
C ILE A 72 -33.35 -6.97 -14.89
N THR A 73 -34.58 -6.68 -14.47
CA THR A 73 -35.37 -5.60 -15.05
C THR A 73 -35.11 -4.29 -14.32
N VAL A 74 -34.72 -3.28 -15.07
CA VAL A 74 -34.48 -1.95 -14.49
C VAL A 74 -35.38 -0.96 -15.21
N LYS A 75 -36.16 -0.22 -14.43
CA LYS A 75 -37.06 0.79 -14.98
C LYS A 75 -36.58 2.19 -14.58
N THR A 76 -35.98 2.90 -15.54
CA THR A 76 -35.53 4.26 -15.29
C THR A 76 -36.70 5.23 -15.40
N TYR A 77 -36.50 6.46 -14.94
CA TYR A 77 -37.57 7.44 -14.85
C TYR A 77 -38.78 6.86 -14.12
N HIS A 78 -38.53 6.00 -13.14
CA HIS A 78 -39.57 5.44 -12.27
C HIS A 78 -39.23 5.74 -10.82
N GLU A 79 -40.04 6.57 -10.17
CA GLU A 79 -39.73 7.02 -8.82
C GLU A 79 -40.62 6.33 -7.81
N VAL A 80 -40.03 5.65 -6.84
CA VAL A 80 -40.82 5.06 -5.77
C VAL A 80 -41.29 6.18 -4.88
N ILE A 81 -42.60 6.29 -4.71
CA ILE A 81 -43.16 7.41 -3.97
C ILE A 81 -43.72 7.03 -2.60
N ALA A 82 -43.91 5.74 -2.36
CA ALA A 82 -44.37 5.25 -1.06
C ALA A 82 -44.06 3.78 -0.89
N ILE A 83 -43.87 3.39 0.37
CA ILE A 83 -43.68 1.98 0.69
C ILE A 83 -44.91 1.54 1.48
N ASN A 84 -45.64 0.60 0.92
CA ASN A 84 -46.83 0.05 1.55
C ASN A 84 -46.41 -1.25 2.24
N ASP A 85 -45.70 -1.10 3.36
CA ASP A 85 -44.94 -2.24 3.90
C ASP A 85 -45.80 -3.40 4.42
N GLU A 86 -46.99 -3.11 4.93
CA GLU A 86 -47.84 -4.16 5.47
C GLU A 86 -48.40 -5.06 4.37
N ARG A 87 -48.66 -4.48 3.20
CA ARG A 87 -49.11 -5.28 2.06
C ARG A 87 -47.95 -5.76 1.18
N GLN A 88 -46.73 -5.37 1.56
CA GLN A 88 -45.53 -5.68 0.77
C GLN A 88 -45.65 -5.26 -0.70
N THR A 89 -45.98 -3.99 -0.90
CA THR A 89 -45.86 -3.41 -2.23
C THR A 89 -45.20 -2.04 -2.11
N VAL A 90 -44.69 -1.54 -3.23
CA VAL A 90 -44.25 -0.16 -3.30
C VAL A 90 -45.11 0.57 -4.33
N SER A 91 -45.36 1.86 -4.08
CA SER A 91 -46.05 2.69 -5.05
C SER A 91 -45.02 3.39 -5.92
N VAL A 92 -45.19 3.30 -7.23
CA VAL A 92 -44.19 3.76 -8.19
C VAL A 92 -44.80 4.75 -9.17
N LEU A 93 -44.14 5.89 -9.34
CA LEU A 93 -44.58 6.90 -10.30
C LEU A 93 -43.78 6.78 -11.58
N ASN A 94 -44.45 6.45 -12.68
CA ASN A 94 -43.85 6.48 -14.00
C ASN A 94 -43.75 7.94 -14.42
N ARG A 95 -42.56 8.51 -14.36
CA ARG A 95 -42.38 9.94 -14.53
C ARG A 95 -42.64 10.43 -15.96
N LYS A 96 -42.64 9.51 -16.91
CA LYS A 96 -42.93 9.88 -18.29
C LYS A 96 -44.43 10.04 -18.56
N THR A 97 -45.23 9.24 -17.86
CA THR A 97 -46.69 9.27 -18.05
C THR A 97 -47.40 9.95 -16.90
N ASN A 98 -46.70 10.07 -15.78
CA ASN A 98 -47.28 10.61 -14.55
C ASN A 98 -48.40 9.73 -14.00
N GLU A 99 -48.34 8.44 -14.33
CA GLU A 99 -49.25 7.45 -13.79
C GLU A 99 -48.53 6.59 -12.76
N GLN A 100 -49.21 6.28 -11.66
CA GLN A 100 -48.60 5.45 -10.64
C GLN A 100 -49.21 4.04 -10.59
N PHE A 101 -48.44 3.10 -10.05
CA PHE A 101 -48.88 1.72 -9.91
C PHE A 101 -48.15 1.09 -8.73
N GLU A 102 -48.63 -0.07 -8.27
CA GLU A 102 -47.97 -0.79 -7.19
C GLU A 102 -47.19 -1.99 -7.71
N GLU A 103 -46.03 -2.22 -7.10
CA GLU A 103 -45.21 -3.39 -7.40
C GLU A 103 -45.05 -4.23 -6.14
N SER A 104 -45.41 -5.51 -6.21
CA SER A 104 -45.31 -6.37 -5.04
C SER A 104 -43.88 -6.84 -4.86
N TYR A 105 -43.54 -7.19 -3.62
CA TYR A 105 -42.23 -7.77 -3.32
C TYR A 105 -42.30 -8.82 -2.22
N ASP A 106 -41.35 -9.75 -2.27
CA ASP A 106 -41.08 -10.65 -1.15
C ASP A 106 -39.96 -10.07 -0.29
N LYS A 107 -39.02 -9.40 -0.96
CA LYS A 107 -37.92 -8.70 -0.31
C LYS A 107 -37.75 -7.34 -0.97
N LEU A 108 -37.58 -6.31 -0.16
CA LEU A 108 -37.38 -4.94 -0.64
C LEU A 108 -36.01 -4.45 -0.18
N ILE A 109 -35.21 -3.93 -1.13
CA ILE A 109 -33.88 -3.43 -0.81
C ILE A 109 -33.80 -1.96 -1.14
N LEU A 110 -33.59 -1.13 -0.13
CA LEU A 110 -33.54 0.32 -0.31
C LEU A 110 -32.11 0.84 -0.44
N SER A 111 -31.74 1.33 -1.62
CA SER A 111 -30.45 2.01 -1.79
C SER A 111 -30.64 3.34 -2.51
N PRO A 112 -31.48 4.23 -1.94
CA PRO A 112 -31.80 5.49 -2.61
C PRO A 112 -30.73 6.57 -2.47
N GLY A 113 -29.74 6.33 -1.61
CA GLY A 113 -28.66 7.27 -1.48
C GLY A 113 -29.05 8.67 -1.00
N ALA A 114 -28.29 9.67 -1.44
CA ALA A 114 -28.45 11.05 -1.02
C ALA A 114 -28.50 12.01 -2.22
N SER A 115 -29.15 13.15 -2.01
CA SER A 115 -29.18 14.21 -3.00
C SER A 115 -28.32 15.39 -2.56
N ALA A 116 -27.85 16.15 -3.54
CA ALA A 116 -27.10 17.37 -3.25
C ALA A 116 -27.97 18.44 -2.59
N ASN A 117 -27.45 19.08 -1.55
CA ASN A 117 -28.06 20.27 -0.98
C ASN A 117 -27.94 21.44 -1.95
N SER A 118 -28.84 22.41 -1.82
CA SER A 118 -28.74 23.64 -2.60
C SER A 118 -28.81 24.85 -1.67
N LEU A 119 -28.15 25.93 -2.05
CA LEU A 119 -28.24 27.17 -1.28
C LEU A 119 -29.58 27.87 -1.46
N GLY A 120 -30.34 27.47 -2.48
CA GLY A 120 -31.67 27.99 -2.69
C GLY A 120 -31.79 29.32 -3.41
N PHE A 121 -30.69 29.78 -4.02
CA PHE A 121 -30.74 31.02 -4.79
C PHE A 121 -31.50 30.83 -6.09
N GLU A 122 -32.09 31.92 -6.59
CA GLU A 122 -32.79 31.88 -7.86
C GLU A 122 -31.79 32.22 -8.97
N SER A 123 -31.00 31.22 -9.37
CA SER A 123 -29.89 31.47 -10.28
C SER A 123 -29.71 30.39 -11.34
N ASP A 124 -29.74 30.81 -12.61
CA ASP A 124 -29.55 29.89 -13.72
C ASP A 124 -28.10 29.50 -13.93
N ILE A 125 -27.18 30.10 -13.17
CA ILE A 125 -25.76 29.82 -13.40
C ILE A 125 -25.19 28.84 -12.37
N THR A 126 -26.06 28.41 -11.45
CA THR A 126 -25.65 27.55 -10.34
C THR A 126 -26.01 26.08 -10.57
N PHE A 127 -25.05 25.20 -10.28
CA PHE A 127 -25.22 23.76 -10.51
C PHE A 127 -24.74 22.95 -9.32
N THR A 128 -25.38 21.80 -9.12
CA THR A 128 -24.89 20.79 -8.19
C THR A 128 -24.49 19.54 -8.96
N LEU A 129 -23.71 18.68 -8.32
CA LEU A 129 -23.17 17.49 -8.96
C LEU A 129 -23.50 16.23 -8.16
N ARG A 130 -24.35 15.36 -8.71
CA ARG A 130 -24.71 14.10 -8.06
C ARG A 130 -24.84 12.92 -9.04
N ASN A 131 -25.26 13.20 -10.27
CA ASN A 131 -25.39 12.14 -11.26
C ASN A 131 -24.90 12.55 -12.64
N LEU A 132 -25.12 11.67 -13.62
CA LEU A 132 -24.63 11.92 -14.97
C LEU A 132 -25.45 13.01 -15.68
N GLU A 133 -26.75 13.09 -15.35
CA GLU A 133 -27.56 14.20 -15.88
C GLU A 133 -26.94 15.54 -15.47
N ASP A 134 -26.52 15.64 -14.21
CA ASP A 134 -25.90 16.87 -13.70
C ASP A 134 -24.60 17.18 -14.43
N THR A 135 -23.81 16.14 -14.66
CA THR A 135 -22.54 16.27 -15.35
C THR A 135 -22.76 16.77 -16.77
N ASP A 136 -23.74 16.19 -17.46
CA ASP A 136 -24.10 16.64 -18.80
C ASP A 136 -24.49 18.11 -18.82
N ALA A 137 -25.30 18.51 -17.84
CA ALA A 137 -25.78 19.89 -17.75
C ALA A 137 -24.63 20.87 -17.52
N ILE A 138 -23.71 20.50 -16.64
CA ILE A 138 -22.56 21.36 -16.37
C ILE A 138 -21.69 21.52 -17.62
N ASP A 139 -21.39 20.41 -18.27
CA ASP A 139 -20.57 20.42 -19.48
C ASP A 139 -21.21 21.26 -20.57
N GLN A 140 -22.52 21.07 -20.76
CA GLN A 140 -23.27 21.84 -21.75
C GLN A 140 -23.22 23.34 -21.47
N PHE A 141 -23.38 23.69 -20.19
CA PHE A 141 -23.39 25.10 -19.79
C PHE A 141 -22.02 25.75 -20.00
N ILE A 142 -20.95 25.01 -19.72
CA ILE A 142 -19.61 25.53 -19.92
C ILE A 142 -19.40 25.89 -21.39
N LYS A 143 -19.79 24.97 -22.26
CA LYS A 143 -19.64 25.19 -23.70
C LYS A 143 -20.54 26.33 -24.20
N ALA A 144 -21.81 26.31 -23.81
CA ALA A 144 -22.78 27.28 -24.32
C ALA A 144 -22.43 28.70 -23.90
N ASN A 145 -21.75 28.85 -22.77
CA ASN A 145 -21.49 30.17 -22.23
C ASN A 145 -20.01 30.52 -22.22
N GLN A 146 -19.19 29.64 -22.77
CA GLN A 146 -17.74 29.85 -22.80
C GLN A 146 -17.23 30.24 -21.43
N VAL A 147 -17.67 29.48 -20.43
CA VAL A 147 -17.33 29.74 -19.04
C VAL A 147 -15.83 29.78 -18.78
N ASP A 148 -15.39 30.81 -18.09
CA ASP A 148 -14.00 30.89 -17.65
C ASP A 148 -13.90 30.96 -16.13
N LYS A 149 -14.41 32.05 -15.56
CA LYS A 149 -14.42 32.23 -14.11
C LYS A 149 -15.55 31.43 -13.47
N VAL A 150 -15.18 30.53 -12.56
CA VAL A 150 -16.16 29.67 -11.90
C VAL A 150 -15.97 29.76 -10.39
N LEU A 151 -17.08 29.88 -9.68
CA LEU A 151 -17.04 29.88 -8.23
C LEU A 151 -17.36 28.48 -7.73
N VAL A 152 -16.43 27.88 -7.00
CA VAL A 152 -16.65 26.57 -6.41
C VAL A 152 -16.95 26.77 -4.93
N VAL A 153 -18.17 26.43 -4.53
CA VAL A 153 -18.60 26.61 -3.15
C VAL A 153 -18.52 25.28 -2.40
N GLY A 154 -17.74 25.26 -1.32
CA GLY A 154 -17.60 24.07 -0.51
C GLY A 154 -16.22 23.46 -0.69
N ALA A 155 -15.65 22.99 0.41
CA ALA A 155 -14.28 22.51 0.38
C ALA A 155 -14.14 21.06 0.81
N GLY A 156 -15.23 20.31 0.69
CA GLY A 156 -15.21 18.86 0.89
C GLY A 156 -14.48 18.20 -0.26
N TYR A 157 -14.21 16.91 -0.12
CA TYR A 157 -13.28 16.26 -1.03
C TYR A 157 -13.79 16.24 -2.47
N VAL A 158 -15.10 16.06 -2.68
CA VAL A 158 -15.65 16.10 -4.03
C VAL A 158 -15.54 17.47 -4.69
N SER A 159 -15.88 18.52 -3.96
CA SER A 159 -15.72 19.88 -4.45
C SER A 159 -14.26 20.17 -4.81
N LEU A 160 -13.34 19.66 -4.00
CA LEU A 160 -11.92 19.81 -4.32
C LEU A 160 -11.57 19.13 -5.63
N GLU A 161 -12.13 17.94 -5.86
CA GLU A 161 -11.90 17.22 -7.10
C GLU A 161 -12.50 17.99 -8.27
N VAL A 162 -13.68 18.57 -8.06
CA VAL A 162 -14.31 19.38 -9.09
C VAL A 162 -13.43 20.60 -9.43
N LEU A 163 -12.90 21.25 -8.40
CA LEU A 163 -12.04 22.42 -8.60
C LEU A 163 -10.80 22.06 -9.44
N GLU A 164 -10.11 20.99 -9.05
CA GLU A 164 -8.92 20.59 -9.78
C GLU A 164 -9.23 20.33 -11.25
N ASN A 165 -10.31 19.60 -11.50
CA ASN A 165 -10.74 19.30 -12.87
C ASN A 165 -11.09 20.52 -13.70
N LEU A 166 -11.79 21.49 -13.10
CA LEU A 166 -12.07 22.74 -13.79
C LEU A 166 -10.78 23.47 -14.15
N TYR A 167 -9.84 23.51 -13.21
CA TYR A 167 -8.54 24.13 -13.46
C TYR A 167 -7.80 23.45 -14.61
N GLU A 168 -7.75 22.13 -14.59
CA GLU A 168 -7.00 21.41 -15.63
C GLU A 168 -7.69 21.52 -17.00
N ARG A 169 -9.01 21.72 -17.00
CA ARG A 169 -9.76 21.90 -18.23
C ARG A 169 -9.46 23.26 -18.85
N GLY A 170 -8.85 24.13 -18.06
CA GLY A 170 -8.48 25.46 -18.54
C GLY A 170 -9.30 26.61 -17.99
N LEU A 171 -10.21 26.31 -17.08
CA LEU A 171 -11.04 27.35 -16.48
C LEU A 171 -10.33 27.95 -15.27
N HIS A 172 -10.90 29.03 -14.72
CA HIS A 172 -10.29 29.72 -13.60
C HIS A 172 -11.21 29.74 -12.37
N PRO A 173 -11.09 28.70 -11.53
CA PRO A 173 -11.93 28.58 -10.35
C PRO A 173 -11.45 29.42 -9.18
N THR A 174 -12.40 29.84 -8.35
CA THR A 174 -12.12 30.37 -7.02
C THR A 174 -12.87 29.50 -6.02
N LEU A 175 -12.20 29.13 -4.93
CA LEU A 175 -12.81 28.31 -3.89
C LEU A 175 -13.26 29.15 -2.70
N ILE A 176 -14.51 28.96 -2.28
CA ILE A 176 -14.94 29.49 -0.98
C ILE A 176 -15.52 28.37 -0.11
N HIS A 177 -15.45 28.56 1.20
CA HIS A 177 -16.08 27.63 2.15
C HIS A 177 -16.55 28.40 3.37
N ARG A 178 -17.70 27.99 3.91
CA ARG A 178 -18.34 28.72 5.01
C ARG A 178 -17.57 28.68 6.33
N SER A 179 -16.61 27.76 6.45
CA SER A 179 -15.80 27.67 7.65
C SER A 179 -14.35 27.46 7.23
N ASP A 180 -13.46 27.21 8.18
CA ASP A 180 -12.09 26.89 7.80
C ASP A 180 -11.83 25.39 7.76
N LYS A 181 -12.87 24.60 8.04
CA LYS A 181 -12.75 23.14 8.08
C LYS A 181 -12.86 22.53 6.68
N ILE A 182 -11.82 22.71 5.88
CA ILE A 182 -11.76 22.10 4.55
C ILE A 182 -11.47 20.61 4.68
N ASN A 183 -11.85 19.83 3.67
CA ASN A 183 -11.54 18.40 3.62
C ASN A 183 -11.65 17.76 5.00
N LYS A 184 -12.86 17.79 5.56
CA LYS A 184 -13.08 17.60 6.99
C LYS A 184 -12.79 16.21 7.55
N LEU A 185 -12.63 15.21 6.69
CA LEU A 185 -12.31 13.87 7.18
C LEU A 185 -10.85 13.76 7.58
N MET A 186 -10.05 14.76 7.21
CA MET A 186 -8.63 14.76 7.55
C MET A 186 -8.35 15.67 8.74
N ASP A 187 -7.31 15.35 9.51
CA ASP A 187 -6.85 16.22 10.58
C ASP A 187 -6.63 17.63 10.03
N ALA A 188 -7.17 18.62 10.74
CA ALA A 188 -7.16 20.00 10.25
C ALA A 188 -5.77 20.54 9.92
N ASP A 189 -4.78 20.27 10.78
CA ASP A 189 -3.43 20.77 10.52
C ASP A 189 -2.78 20.11 9.30
N MET A 190 -3.17 18.87 9.02
CA MET A 190 -2.57 18.12 7.93
C MET A 190 -3.16 18.48 6.56
N ASN A 191 -4.15 19.36 6.56
CA ASN A 191 -4.77 19.80 5.30
C ASN A 191 -4.08 20.98 4.62
N GLN A 192 -3.05 21.54 5.26
CA GLN A 192 -2.36 22.71 4.72
C GLN A 192 -1.93 22.57 3.26
N PRO A 193 -1.43 21.39 2.84
CA PRO A 193 -0.99 21.27 1.44
C PRO A 193 -2.09 21.56 0.42
N ILE A 194 -3.35 21.44 0.81
CA ILE A 194 -4.43 21.85 -0.10
C ILE A 194 -4.29 23.34 -0.42
N LEU A 195 -4.13 24.13 0.64
CA LEU A 195 -3.98 25.57 0.48
C LEU A 195 -2.67 25.90 -0.24
N ASP A 196 -1.61 25.16 0.08
CA ASP A 196 -0.32 25.34 -0.61
C ASP A 196 -0.44 25.13 -2.11
N GLU A 197 -1.13 24.07 -2.51
CA GLU A 197 -1.31 23.75 -3.92
C GLU A 197 -2.14 24.83 -4.61
N LEU A 198 -3.17 25.33 -3.94
CA LEU A 198 -3.95 26.44 -4.47
C LEU A 198 -3.04 27.64 -4.70
N ASP A 199 -2.29 28.02 -3.66
CA ASP A 199 -1.40 29.18 -3.75
C ASP A 199 -0.37 29.04 -4.87
N LYS A 200 0.15 27.83 -5.04
CA LYS A 200 1.20 27.58 -6.04
C LYS A 200 0.71 27.80 -7.45
N ARG A 201 -0.59 27.59 -7.68
CA ARG A 201 -1.18 27.75 -9.00
C ARG A 201 -2.01 29.03 -9.09
N GLU A 202 -1.85 29.90 -8.09
CA GLU A 202 -2.58 31.16 -8.01
C GLU A 202 -4.09 30.97 -8.22
N ILE A 203 -4.62 29.93 -7.59
CA ILE A 203 -6.06 29.71 -7.57
C ILE A 203 -6.56 30.36 -6.29
N PRO A 204 -7.40 31.41 -6.42
CA PRO A 204 -7.89 32.12 -5.24
C PRO A 204 -8.77 31.25 -4.34
N TYR A 205 -8.67 31.48 -3.03
CA TYR A 205 -9.60 30.88 -2.09
C TYR A 205 -9.88 31.83 -0.94
N ARG A 206 -11.08 31.71 -0.37
CA ARG A 206 -11.49 32.46 0.81
C ARG A 206 -12.29 31.54 1.73
N LEU A 207 -11.81 31.35 2.94
CA LEU A 207 -12.52 30.54 3.93
C LEU A 207 -13.32 31.42 4.88
N ASN A 208 -14.32 30.82 5.54
CA ASN A 208 -15.28 31.60 6.32
C ASN A 208 -15.94 32.66 5.44
N GLU A 209 -16.28 32.24 4.22
CA GLU A 209 -16.86 33.11 3.21
C GLU A 209 -18.11 32.44 2.67
N GLU A 210 -19.13 33.24 2.35
CA GLU A 210 -20.41 32.75 1.87
C GLU A 210 -20.99 33.73 0.87
N ILE A 211 -21.84 33.21 -0.02
CA ILE A 211 -22.61 34.05 -0.91
C ILE A 211 -23.72 34.76 -0.11
N ASN A 212 -23.87 36.05 -0.35
CA ASN A 212 -24.92 36.85 0.28
C ASN A 212 -26.08 37.04 -0.68
N ALA A 213 -25.76 37.38 -1.92
CA ALA A 213 -26.78 37.60 -2.94
C ALA A 213 -26.25 37.35 -4.35
N ILE A 214 -27.16 36.99 -5.25
CA ILE A 214 -26.80 36.78 -6.64
C ILE A 214 -27.69 37.65 -7.53
N ASN A 215 -27.04 38.45 -8.37
CA ASN A 215 -27.76 39.30 -9.30
C ASN A 215 -27.16 39.13 -10.69
N GLY A 216 -27.69 38.16 -11.43
CA GLY A 216 -27.15 37.81 -12.73
C GLY A 216 -25.83 37.09 -12.53
N ASN A 217 -24.76 37.66 -13.08
CA ASN A 217 -23.42 37.12 -12.87
C ASN A 217 -22.68 37.85 -11.76
N GLU A 218 -23.35 38.82 -11.14
CA GLU A 218 -22.74 39.58 -10.05
C GLU A 218 -23.02 38.92 -8.70
N ILE A 219 -21.97 38.43 -8.07
CA ILE A 219 -22.10 37.75 -6.79
C ILE A 219 -21.58 38.63 -5.66
N THR A 220 -22.42 38.84 -4.64
CA THR A 220 -22.02 39.60 -3.46
C THR A 220 -21.80 38.63 -2.31
N PHE A 221 -20.70 38.81 -1.58
CA PHE A 221 -20.29 37.87 -0.54
C PHE A 221 -20.43 38.43 0.87
N LYS A 222 -20.42 37.53 1.84
CA LYS A 222 -20.47 37.87 3.26
C LYS A 222 -19.40 38.90 3.62
N SER A 223 -18.23 38.76 3.02
CA SER A 223 -17.10 39.64 3.29
C SER A 223 -17.36 41.06 2.79
N GLY A 224 -18.33 41.20 1.90
CA GLY A 224 -18.63 42.48 1.28
C GLY A 224 -18.07 42.57 -0.12
N LYS A 225 -17.22 41.60 -0.49
CA LYS A 225 -16.66 41.56 -1.82
C LYS A 225 -17.75 41.34 -2.86
N VAL A 226 -17.56 41.93 -4.04
CA VAL A 226 -18.45 41.70 -5.16
C VAL A 226 -17.62 41.22 -6.35
N GLU A 227 -18.01 40.10 -6.94
CA GLU A 227 -17.23 39.51 -8.04
C GLU A 227 -18.17 39.03 -9.13
N HIS A 228 -17.70 39.04 -10.37
CA HIS A 228 -18.45 38.44 -11.47
C HIS A 228 -17.97 37.02 -11.77
N TYR A 229 -18.91 36.09 -11.87
CA TYR A 229 -18.61 34.70 -12.19
C TYR A 229 -19.52 34.20 -13.29
N ASP A 230 -18.98 33.36 -14.16
CA ASP A 230 -19.75 32.79 -15.27
C ASP A 230 -20.61 31.61 -14.83
N MET A 231 -20.20 30.97 -13.73
CA MET A 231 -20.83 29.73 -13.29
C MET A 231 -20.52 29.50 -11.81
N ILE A 232 -21.42 28.80 -11.12
CA ILE A 232 -21.20 28.44 -9.73
C ILE A 232 -21.50 26.96 -9.57
N ILE A 233 -20.56 26.22 -8.97
CA ILE A 233 -20.82 24.82 -8.61
C ILE A 233 -20.91 24.73 -7.10
N GLU A 234 -22.09 24.40 -6.60
CA GLU A 234 -22.30 24.29 -5.14
C GLU A 234 -22.13 22.88 -4.62
N GLY A 235 -21.15 22.71 -3.73
CA GLY A 235 -20.94 21.48 -3.00
C GLY A 235 -21.15 21.77 -1.53
N VAL A 236 -22.41 21.89 -1.15
CA VAL A 236 -22.77 22.35 0.19
C VAL A 236 -23.44 21.24 0.99
N GLY A 237 -22.94 20.03 0.80
CA GLY A 237 -23.44 18.88 1.53
C GLY A 237 -24.55 18.15 0.82
N THR A 238 -25.00 17.06 1.44
CA THR A 238 -26.07 16.23 0.90
C THR A 238 -27.13 15.95 1.96
N HIS A 239 -28.27 15.42 1.52
CA HIS A 239 -29.35 15.01 2.41
C HIS A 239 -29.89 13.65 1.97
N PRO A 240 -30.36 12.85 2.92
CA PRO A 240 -30.83 11.50 2.60
C PRO A 240 -32.11 11.51 1.77
N ASN A 241 -32.18 10.62 0.79
CA ASN A 241 -33.38 10.49 -0.04
C ASN A 241 -34.39 9.57 0.66
N SER A 242 -34.99 10.06 1.74
CA SER A 242 -35.90 9.24 2.52
C SER A 242 -37.32 9.82 2.70
N LYS A 243 -37.64 10.90 1.99
CA LYS A 243 -38.98 11.47 2.13
C LYS A 243 -40.07 10.47 1.78
N PHE A 244 -39.81 9.63 0.77
CA PHE A 244 -40.79 8.63 0.33
C PHE A 244 -40.98 7.49 1.32
N ILE A 245 -40.16 7.49 2.37
CA ILE A 245 -40.17 6.40 3.35
C ILE A 245 -40.96 6.76 4.61
N GLU A 246 -41.17 8.06 4.82
CA GLU A 246 -41.68 8.54 6.11
C GLU A 246 -43.07 8.02 6.49
N SER A 247 -43.94 7.75 5.51
CA SER A 247 -45.28 7.29 5.83
C SER A 247 -45.31 5.81 6.21
N SER A 248 -44.22 5.10 5.97
CA SER A 248 -44.16 3.66 6.24
C SER A 248 -43.81 3.35 7.69
N ASN A 249 -43.76 2.07 8.02
CA ASN A 249 -43.37 1.62 9.37
C ASN A 249 -41.87 1.61 9.61
N ILE A 250 -41.07 1.93 8.59
CA ILE A 250 -39.62 1.93 8.75
C ILE A 250 -39.18 3.05 9.68
N LYS A 251 -38.32 2.70 10.63
CA LYS A 251 -37.79 3.68 11.58
C LYS A 251 -36.66 4.51 10.97
N LEU A 252 -36.81 5.82 11.01
CA LEU A 252 -35.77 6.75 10.56
C LEU A 252 -35.21 7.45 11.77
N ASP A 253 -33.93 7.82 11.71
CA ASP A 253 -33.36 8.66 12.75
C ASP A 253 -33.75 10.14 12.53
N ARG A 254 -33.32 11.02 13.42
CA ARG A 254 -33.75 12.41 13.38
C ARG A 254 -33.23 13.15 12.15
N LYS A 255 -32.18 12.61 11.54
CA LYS A 255 -31.60 13.22 10.34
C LYS A 255 -32.15 12.61 9.05
N GLY A 256 -32.99 11.59 9.17
CA GLY A 256 -33.60 11.00 8.00
C GLY A 256 -32.89 9.77 7.45
N PHE A 257 -31.93 9.23 8.20
CA PHE A 257 -31.25 8.03 7.77
C PHE A 257 -31.92 6.81 8.38
N ILE A 258 -31.57 5.62 7.88
CA ILE A 258 -32.18 4.38 8.33
C ILE A 258 -31.20 3.55 9.15
N PRO A 259 -31.43 3.43 10.46
CA PRO A 259 -30.54 2.54 11.22
C PRO A 259 -30.76 1.08 10.83
N VAL A 260 -29.68 0.32 10.66
CA VAL A 260 -29.82 -1.09 10.32
C VAL A 260 -29.00 -1.95 11.24
N ASN A 261 -29.36 -3.23 11.33
CA ASN A 261 -28.54 -4.19 12.05
C ASN A 261 -27.43 -4.72 11.16
N ASP A 262 -26.69 -5.73 11.63
CA ASP A 262 -25.53 -6.19 10.89
C ASP A 262 -25.87 -7.04 9.68
N LYS A 263 -27.16 -7.30 9.48
CA LYS A 263 -27.64 -7.97 8.28
C LYS A 263 -28.22 -6.95 7.31
N PHE A 264 -28.01 -5.67 7.63
CA PHE A 264 -28.58 -4.55 6.86
C PHE A 264 -30.10 -4.59 6.80
N GLU A 265 -30.70 -5.21 7.80
CA GLU A 265 -32.15 -5.20 7.96
C GLU A 265 -32.62 -3.93 8.64
N THR A 266 -33.73 -3.38 8.14
CA THR A 266 -34.45 -2.33 8.87
C THR A 266 -35.27 -2.98 9.99
N ASN A 267 -36.07 -2.17 10.69
CA ASN A 267 -36.93 -2.69 11.76
C ASN A 267 -38.13 -3.45 11.21
N VAL A 268 -38.36 -3.31 9.90
CA VAL A 268 -39.51 -3.94 9.25
C VAL A 268 -39.07 -5.22 8.54
N PRO A 269 -39.74 -6.34 8.83
CA PRO A 269 -39.42 -7.61 8.18
C PRO A 269 -39.41 -7.52 6.66
N ASN A 270 -38.41 -8.15 6.05
CA ASN A 270 -38.29 -8.23 4.59
C ASN A 270 -37.81 -6.96 3.88
N ILE A 271 -37.47 -5.93 4.65
CA ILE A 271 -36.93 -4.70 4.06
C ILE A 271 -35.50 -4.45 4.54
N TYR A 272 -34.60 -4.30 3.57
CA TYR A 272 -33.19 -4.02 3.85
C TYR A 272 -32.86 -2.61 3.42
N ALA A 273 -31.81 -2.02 4.01
CA ALA A 273 -31.34 -0.72 3.55
C ALA A 273 -29.81 -0.73 3.51
N ILE A 274 -29.26 -0.20 2.41
CA ILE A 274 -27.81 -0.23 2.18
C ILE A 274 -27.36 1.09 1.58
N GLY A 275 -26.06 1.32 1.53
CA GLY A 275 -25.52 2.53 0.94
C GLY A 275 -25.60 3.76 1.85
N ASP A 276 -25.59 4.94 1.24
CA ASP A 276 -25.54 6.19 1.99
C ASP A 276 -26.73 6.37 2.94
N ILE A 277 -27.86 5.74 2.64
CA ILE A 277 -29.06 5.90 3.46
C ILE A 277 -28.95 5.19 4.81
N ALA A 278 -28.06 4.21 4.92
CA ALA A 278 -28.01 3.34 6.09
C ALA A 278 -27.01 3.77 7.14
N THR A 279 -27.37 3.62 8.42
CA THR A 279 -26.39 3.85 9.48
C THR A 279 -26.10 2.60 10.29
N SER A 280 -24.86 2.50 10.74
CA SER A 280 -24.39 1.32 11.44
C SER A 280 -23.50 1.75 12.59
N HIS A 281 -22.41 1.02 12.82
CA HIS A 281 -21.50 1.30 13.94
C HIS A 281 -20.07 1.06 13.47
N TYR A 282 -19.11 1.55 14.25
CA TYR A 282 -17.70 1.24 13.98
C TYR A 282 -17.37 -0.21 14.32
N ARG A 283 -16.37 -0.75 13.63
CA ARG A 283 -15.89 -2.09 13.90
C ARG A 283 -15.01 -2.16 15.14
N HIS A 284 -14.20 -1.13 15.35
CA HIS A 284 -13.13 -1.17 16.34
C HIS A 284 -13.46 -0.49 17.67
N VAL A 285 -14.54 0.29 17.68
CA VAL A 285 -15.03 0.93 18.90
C VAL A 285 -16.56 0.87 18.96
N ASP A 286 -17.10 1.00 20.16
CA ASP A 286 -18.55 0.92 20.33
C ASP A 286 -19.21 2.30 20.16
N LEU A 287 -19.26 2.77 18.92
CA LEU A 287 -19.87 4.06 18.59
C LEU A 287 -20.63 3.96 17.28
N PRO A 288 -21.67 4.78 17.12
CA PRO A 288 -22.38 4.83 15.84
C PRO A 288 -21.45 5.32 14.73
N ALA A 289 -21.67 4.85 13.50
CA ALA A 289 -20.90 5.32 12.37
C ALA A 289 -21.78 5.45 11.13
N SER A 290 -21.54 6.52 10.37
CA SER A 290 -22.08 6.68 9.04
C SER A 290 -20.93 7.00 8.09
N VAL A 291 -20.74 6.16 7.07
CA VAL A 291 -19.62 6.32 6.17
C VAL A 291 -20.17 6.19 4.76
N PRO A 292 -20.65 7.33 4.21
CA PRO A 292 -21.35 7.34 2.93
C PRO A 292 -20.37 7.36 1.77
N LEU A 293 -19.75 6.20 1.56
CA LEU A 293 -18.72 6.03 0.55
C LEU A 293 -18.96 4.75 -0.23
N ALA A 294 -18.24 4.57 -1.33
CA ALA A 294 -18.52 3.47 -2.25
C ALA A 294 -18.20 2.08 -1.67
N TRP A 295 -17.12 1.98 -0.89
CA TRP A 295 -16.77 0.68 -0.33
C TRP A 295 -17.94 0.09 0.46
N GLY A 296 -18.57 0.92 1.30
CA GLY A 296 -19.65 0.46 2.15
C GLY A 296 -20.90 0.08 1.38
N ALA A 297 -21.18 0.80 0.30
CA ALA A 297 -22.31 0.44 -0.57
C ALA A 297 -22.07 -0.94 -1.21
N HIS A 298 -20.87 -1.17 -1.73
CA HIS A 298 -20.55 -2.47 -2.33
C HIS A 298 -20.50 -3.62 -1.31
N ARG A 299 -19.95 -3.36 -0.13
CA ARG A 299 -19.86 -4.41 0.88
C ARG A 299 -21.25 -4.81 1.36
N ALA A 300 -22.08 -3.82 1.66
CA ALA A 300 -23.46 -4.07 2.08
C ALA A 300 -24.25 -4.81 0.99
N ALA A 301 -24.00 -4.45 -0.26
CA ALA A 301 -24.66 -5.12 -1.38
C ALA A 301 -24.35 -6.62 -1.37
N SER A 302 -23.10 -6.98 -1.12
CA SER A 302 -22.74 -8.39 -1.06
C SER A 302 -23.35 -9.11 0.15
N ILE A 303 -23.37 -8.43 1.29
CA ILE A 303 -23.91 -9.04 2.51
C ILE A 303 -25.41 -9.29 2.38
N VAL A 304 -26.15 -8.31 1.82
CA VAL A 304 -27.57 -8.51 1.62
C VAL A 304 -27.83 -9.65 0.62
N ALA A 305 -27.01 -9.72 -0.42
CA ALA A 305 -27.14 -10.81 -1.38
C ALA A 305 -26.99 -12.17 -0.69
N GLU A 306 -26.00 -12.30 0.18
CA GLU A 306 -25.81 -13.53 0.93
C GLU A 306 -27.00 -13.81 1.88
N GLN A 307 -27.46 -12.76 2.56
CA GLN A 307 -28.63 -12.88 3.44
C GLN A 307 -29.84 -13.44 2.68
N ILE A 308 -30.07 -12.96 1.48
CA ILE A 308 -31.28 -13.30 0.75
C ILE A 308 -31.15 -14.62 0.00
N ALA A 309 -30.00 -14.85 -0.63
CA ALA A 309 -29.84 -15.95 -1.57
C ALA A 309 -28.60 -16.81 -1.32
N GLY A 310 -27.85 -16.51 -0.27
CA GLY A 310 -26.61 -17.22 -0.02
C GLY A 310 -26.46 -17.71 1.41
N ASN A 311 -25.28 -17.45 1.97
CA ASN A 311 -24.93 -17.84 3.32
C ASN A 311 -25.41 -16.81 4.32
N ASP A 312 -26.52 -17.10 5.01
CA ASP A 312 -27.11 -16.10 5.92
C ASP A 312 -26.41 -15.94 7.28
N THR A 313 -25.25 -16.56 7.45
CA THR A 313 -24.45 -16.30 8.63
C THR A 313 -23.44 -15.17 8.36
N ILE A 314 -23.40 -14.70 7.13
CA ILE A 314 -22.49 -13.60 6.78
C ILE A 314 -23.12 -12.27 7.20
N GLU A 315 -22.45 -11.58 8.13
CA GLU A 315 -22.94 -10.33 8.66
C GLU A 315 -21.83 -9.27 8.68
N PHE A 316 -22.26 -8.01 8.65
CA PHE A 316 -21.35 -6.86 8.74
C PHE A 316 -20.67 -6.83 10.09
N LYS A 317 -19.43 -6.35 10.13
CA LYS A 317 -18.74 -6.23 11.42
C LYS A 317 -18.50 -4.77 11.81
N GLY A 318 -19.04 -3.85 11.01
CA GLY A 318 -18.90 -2.44 11.30
C GLY A 318 -17.92 -1.74 10.37
N PHE A 319 -17.94 -0.42 10.43
CA PHE A 319 -17.08 0.44 9.61
C PHE A 319 -15.79 0.82 10.30
N LEU A 320 -14.77 1.10 9.50
CA LEU A 320 -13.58 1.77 10.00
C LEU A 320 -13.52 3.22 9.53
N GLY A 321 -14.25 3.54 8.47
CA GLY A 321 -14.20 4.88 7.89
C GLY A 321 -12.93 5.21 7.11
N ASN A 322 -12.43 4.27 6.33
CA ASN A 322 -11.26 4.54 5.50
C ASN A 322 -11.67 5.44 4.35
N ASN A 323 -10.93 6.52 4.16
CA ASN A 323 -11.26 7.50 3.13
C ASN A 323 -10.00 8.17 2.58
N ILE A 324 -10.11 8.72 1.38
CA ILE A 324 -8.94 9.26 0.71
C ILE A 324 -9.36 10.22 -0.40
N VAL A 325 -8.54 11.23 -0.64
CA VAL A 325 -8.68 12.12 -1.79
C VAL A 325 -7.31 12.56 -2.32
N LYS A 326 -7.22 12.71 -3.63
CA LYS A 326 -6.06 13.32 -4.27
C LYS A 326 -6.41 14.76 -4.55
N PHE A 327 -5.47 15.66 -4.27
CA PHE A 327 -5.61 17.05 -4.68
C PHE A 327 -4.27 17.51 -5.24
N PHE A 328 -4.26 17.74 -6.54
CA PHE A 328 -3.03 17.99 -7.30
C PHE A 328 -1.95 16.97 -6.96
N ASP A 329 -0.82 17.40 -6.43
CA ASP A 329 0.31 16.49 -6.19
C ASP A 329 0.20 15.66 -4.91
N TYR A 330 -0.78 15.96 -4.06
CA TYR A 330 -0.86 15.38 -2.72
C TYR A 330 -2.01 14.39 -2.51
N THR A 331 -1.78 13.44 -1.61
CA THR A 331 -2.78 12.47 -1.19
C THR A 331 -3.11 12.70 0.28
N PHE A 332 -4.40 12.65 0.61
CA PHE A 332 -4.87 12.88 1.98
C PHE A 332 -5.73 11.68 2.37
N ALA A 333 -5.27 10.87 3.32
CA ALA A 333 -5.98 9.65 3.69
C ALA A 333 -6.11 9.52 5.20
N SER A 334 -7.27 9.02 5.63
CA SER A 334 -7.46 8.73 7.05
C SER A 334 -8.39 7.53 7.27
N VAL A 335 -8.32 6.98 8.48
CA VAL A 335 -9.13 5.83 8.86
C VAL A 335 -9.37 5.86 10.37
N GLY A 336 -10.53 5.33 10.78
CA GLY A 336 -10.88 5.31 12.19
C GLY A 336 -11.91 6.34 12.59
N VAL A 337 -11.96 6.65 13.88
CA VAL A 337 -12.91 7.66 14.32
C VAL A 337 -12.57 9.03 13.75
N LYS A 338 -13.58 9.88 13.61
CA LYS A 338 -13.40 11.23 13.09
C LYS A 338 -12.71 12.10 14.14
N PRO A 339 -12.07 13.18 13.69
CA PRO A 339 -11.41 14.10 14.63
C PRO A 339 -12.28 14.49 15.83
N ASN A 340 -13.55 14.85 15.59
CA ASN A 340 -14.44 15.29 16.66
C ASN A 340 -14.86 14.17 17.60
N GLU A 341 -14.58 12.93 17.23
CA GLU A 341 -14.96 11.78 18.04
C GLU A 341 -13.84 11.32 18.97
N LEU A 342 -12.64 11.84 18.74
CA LEU A 342 -11.51 11.47 19.61
C LEU A 342 -11.79 11.81 21.06
N LYS A 343 -12.53 12.89 21.29
CA LYS A 343 -12.78 13.35 22.67
C LYS A 343 -13.56 12.35 23.52
N GLN A 344 -14.16 11.35 22.87
CA GLN A 344 -14.88 10.31 23.59
C GLN A 344 -13.96 9.24 24.16
N PHE A 345 -12.66 9.44 23.98
CA PHE A 345 -11.66 8.48 24.45
C PHE A 345 -10.57 9.20 25.20
N ASP A 346 -9.87 8.47 26.07
CA ASP A 346 -8.58 8.92 26.56
C ASP A 346 -7.55 8.44 25.56
N TYR A 347 -6.86 9.36 24.92
CA TYR A 347 -5.98 9.00 23.80
C TYR A 347 -4.65 9.71 23.81
N LYS A 348 -3.70 9.13 23.09
CA LYS A 348 -2.42 9.79 22.81
C LYS A 348 -2.17 9.75 21.31
N MET A 349 -1.30 10.64 20.86
CA MET A 349 -0.97 10.77 19.44
C MET A 349 0.51 10.56 19.22
N VAL A 350 0.86 9.77 18.21
CA VAL A 350 2.24 9.55 17.79
C VAL A 350 2.34 9.86 16.31
N GLU A 351 3.46 10.43 15.88
CA GLU A 351 3.61 10.79 14.47
C GLU A 351 5.07 10.77 14.02
N VAL A 352 5.24 10.58 12.72
CA VAL A 352 6.56 10.61 12.11
C VAL A 352 6.47 11.28 10.75
N THR A 353 7.51 12.02 10.39
CA THR A 353 7.62 12.57 9.05
C THR A 353 8.96 12.14 8.47
N GLN A 354 8.90 11.35 7.42
CA GLN A 354 10.08 10.73 6.83
C GLN A 354 9.87 10.58 5.33
N GLY A 355 10.95 10.38 4.58
CA GLY A 355 10.80 10.16 3.16
C GLY A 355 9.91 8.96 2.90
N ALA A 356 9.10 9.06 1.85
CA ALA A 356 8.22 7.97 1.47
C ALA A 356 9.02 6.72 1.15
N HIS A 357 10.21 6.91 0.60
CA HIS A 357 11.08 5.79 0.30
C HIS A 357 12.53 6.13 0.66
N ALA A 358 13.47 5.27 0.27
CA ALA A 358 14.87 5.46 0.66
C ALA A 358 15.37 6.85 0.28
N ASN A 359 16.05 7.52 1.21
CA ASN A 359 16.43 8.91 1.02
C ASN A 359 17.32 9.14 -0.21
N PHE A 360 18.14 8.14 -0.53
CA PHE A 360 19.04 8.25 -1.67
C PHE A 360 18.36 8.02 -3.01
N TYR A 361 17.12 7.55 -2.98
CA TYR A 361 16.43 7.22 -4.23
C TYR A 361 15.64 8.43 -4.74
N PRO A 362 15.84 8.78 -6.02
CA PRO A 362 15.27 9.98 -6.63
C PRO A 362 13.76 10.08 -6.50
N GLY A 363 13.23 11.30 -6.56
CA GLY A 363 11.81 11.53 -6.53
C GLY A 363 11.18 11.28 -5.17
N ASN A 364 11.97 11.43 -4.11
CA ASN A 364 11.45 11.24 -2.77
C ASN A 364 10.66 12.46 -2.32
N SER A 365 9.84 12.28 -1.28
CA SER A 365 9.04 13.37 -0.74
C SER A 365 8.68 13.05 0.71
N PRO A 366 8.49 14.08 1.53
CA PRO A 366 8.19 13.81 2.94
C PRO A 366 6.76 13.30 3.17
N LEU A 367 6.65 12.18 3.86
CA LEU A 367 5.35 11.60 4.19
C LEU A 367 5.11 11.76 5.68
N HIS A 368 3.97 12.35 6.03
CA HIS A 368 3.58 12.55 7.42
C HIS A 368 2.53 11.51 7.80
N LEU A 369 2.86 10.63 8.74
CA LEU A 369 1.95 9.60 9.22
C LEU A 369 1.68 9.84 10.71
N ARG A 370 0.40 9.85 11.07
CA ARG A 370 -0.02 10.13 12.44
C ARG A 370 -0.97 9.04 12.92
N VAL A 371 -0.79 8.59 14.15
CA VAL A 371 -1.61 7.52 14.72
C VAL A 371 -2.09 7.91 16.11
N TYR A 372 -3.38 7.77 16.36
CA TYR A 372 -3.95 7.97 17.69
C TYR A 372 -4.27 6.62 18.31
N TYR A 373 -3.95 6.45 19.58
CA TYR A 373 -4.29 5.22 20.26
C TYR A 373 -4.97 5.48 21.61
N ASP A 374 -5.72 4.48 22.06
CA ASP A 374 -6.51 4.53 23.29
C ASP A 374 -5.58 4.19 24.45
N THR A 375 -5.50 5.06 25.45
CA THR A 375 -4.57 4.78 26.55
C THR A 375 -5.04 3.63 27.44
N SER A 376 -6.32 3.29 27.38
CA SER A 376 -6.83 2.21 28.23
C SER A 376 -6.40 0.82 27.75
N ASN A 377 -6.15 0.68 26.44
CA ASN A 377 -5.87 -0.64 25.89
C ASN A 377 -4.86 -0.66 24.74
N ARG A 378 -4.22 0.48 24.48
CA ARG A 378 -3.20 0.61 23.43
C ARG A 378 -3.73 0.41 22.00
N GLN A 379 -5.04 0.29 21.84
CA GLN A 379 -5.60 0.02 20.52
C GLN A 379 -5.61 1.26 19.63
N ILE A 380 -5.39 1.06 18.33
CA ILE A 380 -5.39 2.16 17.40
C ILE A 380 -6.81 2.69 17.15
N LEU A 381 -6.99 4.00 17.33
CA LEU A 381 -8.31 4.64 17.21
C LEU A 381 -8.50 5.31 15.85
N ARG A 382 -7.43 5.88 15.33
CA ARG A 382 -7.47 6.72 14.13
C ARG A 382 -6.06 6.82 13.57
N ALA A 383 -5.95 6.89 12.24
CA ALA A 383 -4.67 7.14 11.60
C ALA A 383 -4.88 8.09 10.42
N ALA A 384 -3.88 8.90 10.13
CA ALA A 384 -3.96 9.87 9.04
C ALA A 384 -2.60 10.00 8.37
N ALA A 385 -2.59 10.15 7.05
CA ALA A 385 -1.34 10.29 6.32
C ALA A 385 -1.50 11.30 5.19
N VAL A 386 -0.51 12.17 5.04
CA VAL A 386 -0.52 13.15 3.95
C VAL A 386 0.87 13.21 3.33
N GLY A 387 0.91 13.17 2.01
CA GLY A 387 2.13 13.36 1.26
C GLY A 387 1.94 13.12 -0.23
N LYS A 388 2.97 13.43 -1.01
CA LYS A 388 2.92 13.18 -2.45
C LYS A 388 3.01 11.69 -2.78
N GLU A 389 3.62 10.91 -1.89
CA GLU A 389 3.84 9.49 -2.17
C GLU A 389 3.63 8.67 -0.91
N GLY A 390 2.95 7.54 -1.05
CA GLY A 390 2.94 6.51 -0.01
C GLY A 390 1.85 6.59 1.04
N ALA A 391 1.02 7.62 1.00
CA ALA A 391 -0.01 7.80 2.01
C ALA A 391 -1.09 6.73 1.91
N ASP A 392 -1.51 6.41 0.69
CA ASP A 392 -2.51 5.36 0.51
C ASP A 392 -2.02 4.01 1.03
N LYS A 393 -0.77 3.66 0.73
CA LYS A 393 -0.22 2.41 1.24
C LYS A 393 -0.22 2.32 2.78
N ARG A 394 0.20 3.38 3.46
CA ARG A 394 0.30 3.32 4.91
C ARG A 394 -1.09 3.22 5.54
N ILE A 395 -2.04 3.97 4.99
CA ILE A 395 -3.38 3.98 5.58
C ILE A 395 -4.12 2.66 5.32
N ASP A 396 -3.90 2.05 4.15
CA ASP A 396 -4.49 0.73 3.92
C ASP A 396 -3.91 -0.32 4.87
N VAL A 397 -2.60 -0.25 5.12
CA VAL A 397 -2.00 -1.18 6.06
C VAL A 397 -2.61 -1.00 7.46
N LEU A 398 -2.82 0.25 7.87
CA LEU A 398 -3.36 0.50 9.20
C LEU A 398 -4.85 0.14 9.28
N SER A 399 -5.57 0.26 8.17
CA SER A 399 -6.94 -0.23 8.15
C SER A 399 -6.97 -1.73 8.45
N MET A 400 -6.07 -2.48 7.82
CA MET A 400 -5.99 -3.92 8.05
C MET A 400 -5.58 -4.19 9.50
N ALA A 401 -4.69 -3.37 10.05
CA ALA A 401 -4.30 -3.52 11.45
C ALA A 401 -5.49 -3.30 12.38
N MET A 402 -6.27 -2.26 12.13
CA MET A 402 -7.42 -1.92 12.97
C MET A 402 -8.54 -2.95 12.87
N MET A 403 -8.71 -3.51 11.68
CA MET A 403 -9.70 -4.55 11.46
C MET A 403 -9.50 -5.66 12.47
N ASN A 404 -8.27 -5.75 12.98
CA ASN A 404 -7.93 -6.77 13.95
C ASN A 404 -7.63 -6.18 15.33
N GLN A 405 -8.14 -4.97 15.56
CA GLN A 405 -7.89 -4.23 16.80
C GLN A 405 -6.44 -4.30 17.27
N LEU A 406 -5.52 -4.24 16.31
CA LEU A 406 -4.09 -4.27 16.61
C LEU A 406 -3.68 -3.12 17.51
N THR A 407 -2.67 -3.33 18.33
CA THR A 407 -2.20 -2.25 19.19
C THR A 407 -1.10 -1.43 18.52
N VAL A 408 -0.91 -0.22 19.01
CA VAL A 408 0.13 0.66 18.48
C VAL A 408 1.51 0.03 18.65
N ASP A 409 1.72 -0.65 19.76
CA ASP A 409 3.01 -1.25 20.05
C ASP A 409 3.38 -2.34 19.04
N GLU A 410 2.38 -3.07 18.56
CA GLU A 410 2.64 -4.17 17.64
C GLU A 410 3.06 -3.72 16.25
N LEU A 411 3.00 -2.41 15.99
CA LEU A 411 3.41 -1.91 14.68
C LEU A 411 4.92 -2.10 14.47
N THR A 412 5.68 -2.28 15.54
CA THR A 412 7.11 -2.55 15.40
C THR A 412 7.33 -3.89 14.67
N GLU A 413 6.32 -4.74 14.72
CA GLU A 413 6.40 -6.10 14.18
C GLU A 413 5.98 -6.20 12.71
N PHE A 414 5.41 -5.12 12.18
CA PHE A 414 4.98 -5.12 10.79
C PHE A 414 6.18 -5.33 9.87
N GLU A 415 6.08 -6.33 9.01
CA GLU A 415 7.16 -6.68 8.09
C GLU A 415 6.88 -6.07 6.73
N VAL A 416 7.52 -4.94 6.46
CA VAL A 416 7.30 -4.20 5.23
C VAL A 416 8.03 -4.84 4.04
N ALA A 417 7.55 -4.56 2.84
CA ALA A 417 8.28 -4.92 1.63
C ALA A 417 9.28 -3.82 1.35
N PHE A 418 10.56 -4.09 1.58
CA PHE A 418 11.56 -3.06 1.36
C PHE A 418 12.50 -3.27 0.18
N ALA A 419 12.48 -2.29 -0.71
CA ALA A 419 13.58 -2.00 -1.64
C ALA A 419 13.59 -0.48 -1.76
N PRO A 420 14.70 0.11 -2.23
CA PRO A 420 14.80 1.57 -2.17
C PRO A 420 13.65 2.41 -2.75
N PRO A 421 13.02 1.98 -3.86
CA PRO A 421 11.94 2.81 -4.39
C PRO A 421 10.67 2.82 -3.53
N TYR A 422 10.59 2.00 -2.49
CA TYR A 422 9.29 1.74 -1.85
C TYR A 422 9.09 2.13 -0.39
N SER A 423 10.15 2.05 0.42
CA SER A 423 9.98 2.20 1.86
C SER A 423 11.34 2.34 2.52
N HIS A 424 11.41 1.93 3.79
CA HIS A 424 12.66 1.84 4.56
C HIS A 424 12.70 0.49 5.30
N PRO A 425 13.91 0.02 5.65
CA PRO A 425 14.05 -1.19 6.47
C PRO A 425 13.21 -1.12 7.75
N LYS A 426 13.24 0.04 8.42
CA LYS A 426 12.25 0.35 9.44
C LYS A 426 11.29 1.35 8.84
N ASP A 427 10.10 0.87 8.47
CA ASP A 427 9.15 1.72 7.76
C ASP A 427 8.54 2.77 8.69
N LEU A 428 7.93 3.79 8.11
CA LEU A 428 7.19 4.77 8.90
C LEU A 428 6.24 4.07 9.88
N ILE A 429 5.58 3.01 9.42
CA ILE A 429 4.68 2.27 10.29
C ILE A 429 5.42 1.66 11.49
N ASN A 430 6.59 1.07 11.24
CA ASN A 430 7.42 0.56 12.32
C ASN A 430 7.83 1.67 13.30
N MET A 431 8.21 2.83 12.76
CA MET A 431 8.65 3.95 13.58
C MET A 431 7.57 4.47 14.53
N ILE A 432 6.31 4.40 14.10
CA ILE A 432 5.20 4.75 14.99
C ILE A 432 5.26 3.85 16.23
N GLY A 433 5.46 2.55 15.99
CA GLY A 433 5.54 1.58 17.06
C GLY A 433 6.71 1.86 17.99
N TYR A 434 7.87 2.13 17.41
CA TYR A 434 9.06 2.38 18.22
C TYR A 434 8.92 3.66 19.05
N LYS A 435 8.18 4.63 18.53
CA LYS A 435 8.03 5.92 19.18
C LYS A 435 6.88 5.98 20.18
N ALA A 436 6.14 4.88 20.32
CA ALA A 436 4.96 4.87 21.17
C ALA A 436 5.22 4.58 22.64
N LYS A 437 6.49 4.36 22.99
CA LYS A 437 6.83 3.98 24.36
C LYS A 437 7.33 5.14 25.21
N PRO B 1 27.74 -4.12 30.28
CA PRO B 1 28.58 -5.24 29.83
C PRO B 1 29.47 -4.82 28.67
N LYS B 2 30.65 -5.41 28.56
CA LYS B 2 31.48 -5.19 27.39
C LYS B 2 30.88 -5.95 26.21
N ILE B 3 30.58 -5.21 25.15
CA ILE B 3 29.92 -5.77 23.98
C ILE B 3 30.85 -5.76 22.76
N VAL B 4 31.03 -6.93 22.15
CA VAL B 4 31.77 -7.05 20.88
C VAL B 4 30.80 -7.44 19.76
N VAL B 5 30.90 -6.74 18.63
CA VAL B 5 30.06 -7.01 17.47
C VAL B 5 30.97 -7.39 16.31
N VAL B 6 30.56 -8.40 15.53
CA VAL B 6 31.31 -8.81 14.34
C VAL B 6 30.50 -8.45 13.10
N GLY B 7 31.04 -7.52 12.29
CA GLY B 7 30.33 -7.00 11.13
C GLY B 7 29.76 -5.63 11.45
N ALA B 8 30.07 -4.63 10.64
CA ALA B 8 29.71 -3.24 10.97
C ALA B 8 28.76 -2.62 9.97
N VAL B 9 27.77 -3.38 9.52
CA VAL B 9 26.87 -2.88 8.49
C VAL B 9 25.40 -3.05 8.90
N ALA B 10 24.58 -3.71 8.08
CA ALA B 10 23.13 -3.62 8.27
C ALA B 10 22.65 -4.14 9.63
N GLY B 11 23.12 -5.32 10.02
CA GLY B 11 22.80 -5.84 11.34
C GLY B 11 23.68 -5.23 12.43
N GLY B 12 24.99 -5.27 12.21
CA GLY B 12 25.93 -4.96 13.28
C GLY B 12 26.00 -3.52 13.72
N ALA B 13 26.18 -2.60 12.78
CA ALA B 13 26.21 -1.19 13.15
C ALA B 13 24.86 -0.74 13.71
N THR B 14 23.77 -1.20 13.10
CA THR B 14 22.43 -0.89 13.59
C THR B 14 22.25 -1.36 15.02
N CYS B 15 22.66 -2.60 15.30
CA CYS B 15 22.47 -3.14 16.63
C CYS B 15 23.28 -2.36 17.66
N ALA B 16 24.54 -2.09 17.35
CA ALA B 16 25.40 -1.32 18.24
C ALA B 16 24.78 0.04 18.57
N SER B 17 24.26 0.72 17.54
CA SER B 17 23.60 2.01 17.71
C SER B 17 22.37 1.91 18.60
N GLN B 18 21.56 0.88 18.38
CA GLN B 18 20.37 0.66 19.20
C GLN B 18 20.72 0.37 20.67
N ILE B 19 21.81 -0.36 20.89
CA ILE B 19 22.25 -0.59 22.27
C ILE B 19 22.65 0.72 22.94
N ARG B 20 23.41 1.55 22.23
CA ARG B 20 23.84 2.84 22.77
C ARG B 20 22.66 3.76 23.11
N ARG B 21 21.55 3.63 22.40
CA ARG B 21 20.35 4.40 22.72
C ARG B 21 19.88 4.11 24.14
N LEU B 22 20.01 2.85 24.54
CA LEU B 22 19.52 2.35 25.83
C LEU B 22 20.57 2.39 26.94
N ASP B 23 21.84 2.28 26.56
CA ASP B 23 22.92 2.06 27.51
C ASP B 23 24.09 2.96 27.13
N LYS B 24 24.36 3.96 27.97
CA LYS B 24 25.39 4.94 27.66
C LYS B 24 26.73 4.59 28.31
N GLU B 25 26.76 3.52 29.12
CA GLU B 25 27.95 3.21 29.88
C GLU B 25 28.82 2.08 29.31
N SER B 26 28.19 1.07 28.73
CA SER B 26 28.91 -0.10 28.27
C SER B 26 29.91 0.21 27.16
N ASP B 27 31.06 -0.45 27.20
CA ASP B 27 32.02 -0.37 26.11
C ASP B 27 31.48 -1.20 24.94
N ILE B 28 31.51 -0.65 23.74
CA ILE B 28 31.05 -1.39 22.56
C ILE B 28 32.11 -1.30 21.47
N ILE B 29 32.54 -2.45 20.97
CA ILE B 29 33.51 -2.49 19.90
C ILE B 29 32.99 -3.36 18.76
N ILE B 30 33.14 -2.86 17.54
CA ILE B 30 32.78 -3.62 16.33
C ILE B 30 34.02 -3.90 15.48
N PHE B 31 34.18 -5.15 15.08
CA PHE B 31 35.23 -5.51 14.12
C PHE B 31 34.62 -5.70 12.74
N GLU B 32 35.25 -5.08 11.75
CA GLU B 32 34.82 -5.19 10.36
C GLU B 32 36.04 -5.52 9.50
N LYS B 33 35.98 -6.61 8.74
CA LYS B 33 37.15 -7.10 8.01
C LYS B 33 37.53 -6.24 6.81
N ASP B 34 36.55 -5.54 6.25
CA ASP B 34 36.79 -4.73 5.06
C ASP B 34 36.96 -3.24 5.39
N ARG B 35 37.05 -2.43 4.34
CA ARG B 35 37.43 -1.01 4.49
C ARG B 35 36.37 -0.16 5.18
N ASP B 36 35.10 -0.40 4.86
CA ASP B 36 34.04 0.54 5.25
C ASP B 36 33.04 -0.03 6.25
N MET B 37 32.58 0.81 7.17
CA MET B 37 31.42 0.47 7.98
C MET B 37 30.21 1.19 7.43
N SER B 38 29.02 0.68 7.77
CA SER B 38 27.77 1.39 7.50
C SER B 38 27.57 1.82 6.04
N PHE B 39 28.09 1.04 5.08
CA PHE B 39 27.76 1.34 3.69
C PHE B 39 26.31 0.97 3.42
N ALA B 40 25.72 1.63 2.44
CA ALA B 40 24.32 1.41 2.11
C ALA B 40 24.19 0.29 1.10
N ASN B 41 24.06 -0.95 1.58
CA ASN B 41 24.05 -2.12 0.71
C ASN B 41 23.07 -1.98 -0.45
N CYS B 42 21.89 -1.50 -0.11
CA CYS B 42 20.80 -1.50 -1.12
CA CYS B 42 20.87 -1.51 -1.11
C CYS B 42 20.99 -0.38 -2.13
N ALA B 43 21.83 0.59 -1.82
CA ALA B 43 22.11 1.70 -2.72
C ALA B 43 23.12 1.35 -3.80
N LEU B 44 23.87 0.27 -3.58
CA LEU B 44 25.05 0.00 -4.42
C LEU B 44 24.77 -0.10 -5.92
N PRO B 45 23.69 -0.81 -6.33
CA PRO B 45 23.40 -0.85 -7.76
C PRO B 45 23.16 0.54 -8.34
N TYR B 46 22.55 1.41 -7.54
CA TYR B 46 22.21 2.76 -7.98
C TYR B 46 23.43 3.69 -8.00
N VAL B 47 24.42 3.38 -7.18
CA VAL B 47 25.70 4.08 -7.26
C VAL B 47 26.34 3.75 -8.61
N ILE B 48 26.32 2.47 -8.96
CA ILE B 48 26.87 2.02 -10.23
C ILE B 48 26.16 2.68 -11.41
N GLY B 49 24.85 2.88 -11.29
CA GLY B 49 24.08 3.52 -12.36
C GLY B 49 24.21 5.02 -12.42
N GLU B 50 24.93 5.61 -11.47
CA GLU B 50 25.10 7.05 -11.35
C GLU B 50 23.78 7.74 -11.04
N VAL B 51 22.85 6.95 -10.51
CA VAL B 51 21.59 7.46 -9.99
C VAL B 51 21.83 8.07 -8.60
N VAL B 52 22.69 7.42 -7.82
CA VAL B 52 23.12 7.95 -6.54
C VAL B 52 24.56 8.41 -6.69
N GLU B 53 24.77 9.73 -6.76
CA GLU B 53 26.11 10.25 -7.01
C GLU B 53 26.76 10.91 -5.80
N ASP B 54 25.99 11.19 -4.76
CA ASP B 54 26.54 11.80 -3.55
C ASP B 54 27.12 10.72 -2.63
N ARG B 55 28.42 10.79 -2.37
CA ARG B 55 29.10 9.78 -1.57
C ARG B 55 28.45 9.61 -0.19
N ARG B 56 27.84 10.67 0.32
CA ARG B 56 27.24 10.64 1.65
C ARG B 56 26.03 9.70 1.72
N TYR B 57 25.47 9.36 0.56
CA TYR B 57 24.40 8.36 0.49
C TYR B 57 24.95 6.93 0.38
N ALA B 58 26.22 6.80 -0.02
CA ALA B 58 26.84 5.49 -0.19
C ALA B 58 27.31 4.87 1.13
N LEU B 59 27.62 5.72 2.11
CA LEU B 59 27.94 5.22 3.45
C LEU B 59 27.63 6.31 4.48
N ALA B 60 27.23 5.88 5.67
CA ALA B 60 26.70 6.80 6.67
C ALA B 60 27.76 7.37 7.60
N TYR B 61 28.78 6.57 7.88
CA TYR B 61 29.80 6.96 8.85
C TYR B 61 31.18 6.42 8.48
N THR B 62 32.21 7.12 8.95
CA THR B 62 33.52 6.52 9.11
C THR B 62 33.64 6.16 10.58
N PRO B 63 34.58 5.26 10.92
CA PRO B 63 34.77 4.93 12.34
C PRO B 63 34.99 6.17 13.21
N GLU B 64 35.76 7.14 12.71
CA GLU B 64 36.00 8.35 13.49
C GLU B 64 34.70 9.08 13.80
N LYS B 65 33.84 9.22 12.80
CA LYS B 65 32.57 9.91 13.00
C LYS B 65 31.63 9.13 13.91
N PHE B 66 31.62 7.80 13.75
CA PHE B 66 30.76 6.94 14.56
C PHE B 66 31.16 7.04 16.03
N TYR B 67 32.46 7.14 16.29
CA TYR B 67 32.94 7.29 17.66
C TYR B 67 32.56 8.65 18.23
N ASP B 68 32.83 9.70 17.46
CA ASP B 68 32.48 11.04 17.90
C ASP B 68 31.00 11.18 18.24
N ARG B 69 30.14 10.53 17.45
CA ARG B 69 28.71 10.65 17.67
C ARG B 69 28.17 9.70 18.75
N LYS B 70 28.68 8.47 18.79
CA LYS B 70 28.06 7.43 19.60
C LYS B 70 28.98 6.75 20.62
N GLN B 71 30.26 7.14 20.62
CA GLN B 71 31.24 6.53 21.51
C GLN B 71 31.28 5.01 21.36
N ILE B 72 31.14 4.57 20.11
CA ILE B 72 31.29 3.16 19.76
C ILE B 72 32.55 3.02 18.92
N THR B 73 33.45 2.13 19.35
CA THR B 73 34.70 1.89 18.64
C THR B 73 34.52 0.91 17.50
N VAL B 74 34.87 1.32 16.28
CA VAL B 74 34.79 0.42 15.14
C VAL B 74 36.18 0.27 14.51
N LYS B 75 36.66 -0.97 14.44
CA LYS B 75 37.95 -1.25 13.83
C LYS B 75 37.78 -1.90 12.46
N THR B 76 37.97 -1.12 11.41
CA THR B 76 37.90 -1.63 10.05
C THR B 76 39.20 -2.35 9.73
N TYR B 77 39.20 -3.11 8.63
CA TYR B 77 40.32 -3.98 8.29
C TYR B 77 40.75 -4.87 9.45
N HIS B 78 39.80 -5.29 10.27
CA HIS B 78 40.02 -6.23 11.37
C HIS B 78 39.10 -7.43 11.18
N GLU B 79 39.68 -8.60 10.92
CA GLU B 79 38.92 -9.80 10.62
C GLU B 79 38.90 -10.76 11.81
N VAL B 80 37.72 -11.06 12.32
CA VAL B 80 37.62 -12.07 13.36
C VAL B 80 37.86 -13.44 12.73
N ILE B 81 38.85 -14.17 13.24
CA ILE B 81 39.23 -15.44 12.61
C ILE B 81 38.88 -16.67 13.43
N ALA B 82 38.50 -16.46 14.68
CA ALA B 82 38.03 -17.53 15.55
C ALA B 82 37.24 -16.99 16.72
N ILE B 83 36.29 -17.78 17.21
CA ILE B 83 35.58 -17.43 18.42
C ILE B 83 36.01 -18.41 19.51
N ASN B 84 36.63 -17.87 20.55
CA ASN B 84 37.10 -18.68 21.67
C ASN B 84 36.06 -18.63 22.78
N ASP B 85 34.93 -19.27 22.54
CA ASP B 85 33.77 -19.06 23.41
C ASP B 85 33.97 -19.53 24.85
N GLU B 86 34.82 -20.51 25.07
CA GLU B 86 35.02 -21.01 26.42
C GLU B 86 35.82 -20.03 27.28
N ARG B 87 36.64 -19.20 26.65
CA ARG B 87 37.33 -18.14 27.40
C ARG B 87 36.71 -16.76 27.18
N GLN B 88 35.58 -16.74 26.48
CA GLN B 88 34.91 -15.48 26.14
C GLN B 88 35.82 -14.43 25.53
N THR B 89 36.57 -14.84 24.52
CA THR B 89 37.27 -13.88 23.66
C THR B 89 37.05 -14.23 22.20
N VAL B 90 37.33 -13.28 21.32
CA VAL B 90 37.46 -13.58 19.90
C VAL B 90 38.91 -13.32 19.49
N SER B 91 39.38 -14.07 18.50
CA SER B 91 40.71 -13.85 17.93
C SER B 91 40.55 -12.99 16.68
N VAL B 92 41.30 -11.88 16.62
CA VAL B 92 41.15 -10.87 15.59
C VAL B 92 42.45 -10.63 14.84
N LEU B 93 42.38 -10.65 13.51
CA LEU B 93 43.53 -10.31 12.68
C LEU B 93 43.47 -8.86 12.22
N ASN B 94 44.41 -8.07 12.70
CA ASN B 94 44.59 -6.72 12.18
C ASN B 94 45.23 -6.85 10.80
N ARG B 95 44.43 -6.63 9.76
CA ARG B 95 44.90 -6.90 8.40
C ARG B 95 45.94 -5.92 7.86
N LYS B 96 46.02 -4.74 8.49
CA LYS B 96 47.03 -3.76 8.11
C LYS B 96 48.43 -4.22 8.54
N THR B 97 48.51 -4.76 9.75
CA THR B 97 49.80 -5.15 10.33
C THR B 97 50.05 -6.65 10.25
N ASN B 98 49.00 -7.40 9.92
CA ASN B 98 49.07 -8.85 9.84
C ASN B 98 49.37 -9.49 11.19
N GLU B 99 48.98 -8.81 12.25
CA GLU B 99 49.14 -9.34 13.61
C GLU B 99 47.78 -9.66 14.22
N GLN B 100 47.70 -10.74 14.97
CA GLN B 100 46.45 -11.08 15.64
C GLN B 100 46.49 -10.86 17.15
N PHE B 101 45.31 -10.74 17.75
CA PHE B 101 45.17 -10.51 19.18
C PHE B 101 43.81 -11.00 19.65
N GLU B 102 43.67 -11.17 20.96
CA GLU B 102 42.39 -11.59 21.54
C GLU B 102 41.64 -10.39 22.08
N GLU B 103 40.33 -10.36 21.84
CA GLU B 103 39.48 -9.34 22.44
C GLU B 103 38.44 -10.00 23.32
N SER B 104 38.39 -9.62 24.59
CA SER B 104 37.41 -10.21 25.51
C SER B 104 36.02 -9.60 25.32
N TYR B 105 35.00 -10.35 25.70
CA TYR B 105 33.63 -9.85 25.66
C TYR B 105 32.78 -10.37 26.82
N ASP B 106 31.77 -9.60 27.20
CA ASP B 106 30.70 -10.09 28.07
C ASP B 106 29.52 -10.56 27.21
N LYS B 107 29.26 -9.84 26.12
CA LYS B 107 28.26 -10.23 25.14
C LYS B 107 28.88 -10.16 23.76
N LEU B 108 28.56 -11.12 22.92
CA LEU B 108 29.06 -11.15 21.56
C LEU B 108 27.89 -11.20 20.59
N ILE B 109 27.90 -10.31 19.61
CA ILE B 109 26.83 -10.24 18.62
C ILE B 109 27.41 -10.47 17.24
N LEU B 110 26.98 -11.56 16.59
CA LEU B 110 27.49 -11.93 15.28
C LEU B 110 26.56 -11.44 14.17
N SER B 111 27.04 -10.51 13.34
CA SER B 111 26.30 -10.12 12.14
C SER B 111 27.22 -10.09 10.91
N PRO B 112 27.84 -11.24 10.58
CA PRO B 112 28.86 -11.28 9.52
C PRO B 112 28.29 -11.34 8.09
N GLY B 113 26.99 -11.55 7.98
CA GLY B 113 26.36 -11.59 6.67
C GLY B 113 26.88 -12.66 5.74
N ALA B 114 26.83 -12.36 4.45
CA ALA B 114 27.17 -13.30 3.38
C ALA B 114 28.12 -12.67 2.36
N SER B 115 28.89 -13.51 1.68
CA SER B 115 29.75 -13.06 0.59
C SER B 115 29.21 -13.53 -0.77
N ALA B 116 29.52 -12.76 -1.82
CA ALA B 116 29.18 -13.14 -3.19
C ALA B 116 29.93 -14.39 -3.64
N ASN B 117 29.21 -15.28 -4.31
CA ASN B 117 29.82 -16.42 -4.98
C ASN B 117 30.62 -15.96 -6.19
N SER B 118 31.61 -16.75 -6.61
CA SER B 118 32.38 -16.46 -7.81
C SER B 118 32.33 -17.65 -8.75
N LEU B 119 32.37 -17.38 -10.05
CA LEU B 119 32.44 -18.45 -11.05
C LEU B 119 33.85 -19.07 -11.10
N GLY B 120 34.84 -18.36 -10.54
CA GLY B 120 36.16 -18.93 -10.39
C GLY B 120 37.09 -18.80 -11.58
N PHE B 121 36.68 -18.03 -12.59
CA PHE B 121 37.53 -17.80 -13.74
C PHE B 121 38.67 -16.85 -13.38
N GLU B 122 39.79 -16.96 -14.09
CA GLU B 122 40.91 -16.06 -13.86
C GLU B 122 40.78 -14.83 -14.75
N SER B 123 39.84 -13.95 -14.40
CA SER B 123 39.51 -12.84 -15.28
C SER B 123 39.57 -11.48 -14.59
N ASP B 124 40.41 -10.61 -15.12
CA ASP B 124 40.56 -9.25 -14.61
C ASP B 124 39.34 -8.38 -14.92
N ILE B 125 38.48 -8.84 -15.82
CA ILE B 125 37.34 -8.03 -16.23
C ILE B 125 36.06 -8.41 -15.49
N THR B 126 36.17 -9.37 -14.58
CA THR B 126 35.01 -9.89 -13.87
C THR B 126 34.92 -9.37 -12.44
N PHE B 127 33.71 -8.96 -12.03
CA PHE B 127 33.48 -8.36 -10.71
C PHE B 127 32.22 -8.94 -10.07
N THR B 128 32.21 -8.98 -8.74
CA THR B 128 31.00 -9.28 -7.97
C THR B 128 30.63 -8.04 -7.17
N LEU B 129 29.39 -7.99 -6.67
CA LEU B 129 28.90 -6.82 -5.96
C LEU B 129 28.36 -7.18 -4.57
N ARG B 130 29.06 -6.76 -3.52
CA ARG B 130 28.62 -7.03 -2.16
C ARG B 130 28.84 -5.84 -1.22
N ASN B 131 29.86 -5.03 -1.50
CA ASN B 131 30.16 -3.90 -0.63
C ASN B 131 30.60 -2.65 -1.41
N LEU B 132 30.98 -1.61 -0.67
CA LEU B 132 31.35 -0.36 -1.31
C LEU B 132 32.73 -0.45 -1.98
N GLU B 133 33.62 -1.27 -1.45
CA GLU B 133 34.90 -1.53 -2.13
C GLU B 133 34.65 -2.07 -3.54
N ASP B 134 33.74 -3.05 -3.64
CA ASP B 134 33.36 -3.63 -4.92
C ASP B 134 32.78 -2.57 -5.84
N THR B 135 31.90 -1.74 -5.27
CA THR B 135 31.23 -0.71 -6.03
C THR B 135 32.24 0.29 -6.62
N ASP B 136 33.19 0.71 -5.78
CA ASP B 136 34.24 1.61 -6.22
C ASP B 136 35.08 0.97 -7.33
N ALA B 137 35.40 -0.31 -7.18
CA ALA B 137 36.21 -1.01 -8.17
C ALA B 137 35.53 -1.10 -9.53
N ILE B 138 34.23 -1.34 -9.52
CA ILE B 138 33.47 -1.43 -10.75
C ILE B 138 33.40 -0.06 -11.44
N ASP B 139 33.11 0.98 -10.68
CA ASP B 139 33.05 2.33 -11.25
C ASP B 139 34.39 2.68 -11.87
N GLN B 140 35.47 2.42 -11.16
CA GLN B 140 36.80 2.76 -11.65
C GLN B 140 37.19 1.95 -12.90
N PHE B 141 36.81 0.67 -12.95
CA PHE B 141 37.10 -0.15 -14.11
C PHE B 141 36.34 0.36 -15.34
N ILE B 142 35.10 0.80 -15.14
CA ILE B 142 34.30 1.31 -16.25
C ILE B 142 34.97 2.54 -16.87
N LYS B 143 35.43 3.45 -16.03
CA LYS B 143 36.09 4.66 -16.51
C LYS B 143 37.46 4.39 -17.11
N ALA B 144 38.23 3.52 -16.48
CA ALA B 144 39.59 3.25 -16.92
C ALA B 144 39.64 2.53 -18.27
N ASN B 145 38.58 1.80 -18.57
CA ASN B 145 38.57 0.98 -19.80
C ASN B 145 37.49 1.38 -20.81
N GLN B 146 36.84 2.52 -20.58
CA GLN B 146 35.78 3.00 -21.45
C GLN B 146 34.78 1.89 -21.77
N VAL B 147 34.35 1.19 -20.72
CA VAL B 147 33.46 0.05 -20.85
C VAL B 147 32.16 0.40 -21.58
N ASP B 148 31.80 -0.42 -22.55
CA ASP B 148 30.53 -0.27 -23.24
C ASP B 148 29.67 -1.52 -23.08
N LYS B 149 30.21 -2.66 -23.47
CA LYS B 149 29.49 -3.94 -23.42
C LYS B 149 29.76 -4.67 -22.12
N VAL B 150 28.69 -4.91 -21.36
CA VAL B 150 28.84 -5.60 -20.09
C VAL B 150 28.00 -6.87 -20.08
N LEU B 151 28.60 -7.97 -19.64
CA LEU B 151 27.85 -9.20 -19.45
C LEU B 151 27.36 -9.24 -18.00
N VAL B 152 26.05 -9.34 -17.83
CA VAL B 152 25.47 -9.54 -16.51
C VAL B 152 25.05 -10.99 -16.32
N VAL B 153 25.69 -11.68 -15.37
CA VAL B 153 25.42 -13.09 -15.13
C VAL B 153 24.53 -13.26 -13.89
N GLY B 154 23.42 -13.96 -14.05
CA GLY B 154 22.52 -14.21 -12.95
C GLY B 154 21.29 -13.32 -13.06
N ALA B 155 20.15 -13.83 -12.64
CA ALA B 155 18.92 -13.07 -12.80
C ALA B 155 18.11 -12.92 -11.52
N GLY B 156 18.79 -12.90 -10.38
CA GLY B 156 18.17 -12.57 -9.11
C GLY B 156 17.97 -11.07 -8.99
N TYR B 157 17.33 -10.62 -7.91
CA TYR B 157 16.97 -9.21 -7.81
C TYR B 157 18.18 -8.27 -7.89
N VAL B 158 19.30 -8.66 -7.27
CA VAL B 158 20.51 -7.86 -7.30
C VAL B 158 21.01 -7.66 -8.74
N SER B 159 21.18 -8.77 -9.46
CA SER B 159 21.63 -8.74 -10.85
C SER B 159 20.70 -7.88 -11.71
N LEU B 160 19.40 -8.02 -11.49
CA LEU B 160 18.43 -7.25 -12.27
C LEU B 160 18.58 -5.76 -12.01
N GLU B 161 18.73 -5.39 -10.74
CA GLU B 161 18.98 -3.99 -10.40
C GLU B 161 20.29 -3.48 -11.03
N VAL B 162 21.34 -4.31 -10.99
CA VAL B 162 22.60 -3.92 -11.62
C VAL B 162 22.44 -3.72 -13.13
N LEU B 163 21.73 -4.63 -13.79
CA LEU B 163 21.45 -4.50 -15.23
C LEU B 163 20.71 -3.20 -15.56
N GLU B 164 19.64 -2.92 -14.83
CA GLU B 164 18.90 -1.69 -15.09
C GLU B 164 19.80 -0.46 -14.94
N ASN B 165 20.64 -0.46 -13.90
CA ASN B 165 21.51 0.67 -13.67
C ASN B 165 22.61 0.84 -14.71
N LEU B 166 23.16 -0.27 -15.18
CA LEU B 166 24.15 -0.20 -16.25
C LEU B 166 23.53 0.38 -17.51
N TYR B 167 22.30 -0.03 -17.81
CA TYR B 167 21.57 0.49 -18.96
C TYR B 167 21.32 2.00 -18.82
N GLU B 168 20.89 2.43 -17.64
CA GLU B 168 20.60 3.84 -17.45
C GLU B 168 21.87 4.69 -17.49
N ARG B 169 23.00 4.09 -17.12
CA ARG B 169 24.30 4.76 -17.19
C ARG B 169 24.72 4.99 -18.65
N GLY B 170 24.05 4.30 -19.57
CA GLY B 170 24.34 4.44 -20.99
C GLY B 170 25.17 3.31 -21.53
N LEU B 171 25.36 2.27 -20.72
CA LEU B 171 26.10 1.10 -21.16
C LEU B 171 25.18 0.11 -21.86
N HIS B 172 25.77 -0.94 -22.42
CA HIS B 172 24.99 -1.94 -23.14
C HIS B 172 25.17 -3.32 -22.53
N PRO B 173 24.30 -3.67 -21.57
CA PRO B 173 24.40 -4.97 -20.91
C PRO B 173 23.68 -6.07 -21.68
N THR B 174 24.16 -7.30 -21.48
CA THR B 174 23.47 -8.50 -21.92
C THR B 174 23.28 -9.36 -20.68
N LEU B 175 22.07 -9.91 -20.51
CA LEU B 175 21.79 -10.76 -19.36
C LEU B 175 21.83 -12.23 -19.72
N ILE B 176 22.57 -13.03 -18.95
CA ILE B 176 22.45 -14.47 -19.06
C ILE B 176 22.10 -15.10 -17.71
N HIS B 177 21.46 -16.26 -17.76
CA HIS B 177 21.23 -17.04 -16.56
C HIS B 177 21.24 -18.54 -16.89
N ARG B 178 21.77 -19.34 -15.97
CA ARG B 178 21.95 -20.78 -16.18
C ARG B 178 20.65 -21.56 -16.42
N SER B 179 19.53 -20.97 -16.00
CA SER B 179 18.22 -21.61 -16.21
C SER B 179 17.21 -20.56 -16.61
N ASP B 180 15.93 -20.95 -16.65
CA ASP B 180 14.87 -19.99 -16.91
C ASP B 180 14.22 -19.48 -15.62
N LYS B 181 14.77 -19.91 -14.48
CA LYS B 181 14.22 -19.53 -13.18
C LYS B 181 14.73 -18.17 -12.72
N ILE B 182 14.29 -17.11 -13.39
CA ILE B 182 14.71 -15.76 -13.02
C ILE B 182 13.93 -15.25 -11.81
N ASN B 183 14.46 -14.25 -11.13
CA ASN B 183 13.75 -13.61 -10.02
C ASN B 183 12.98 -14.62 -9.15
N LYS B 184 13.71 -15.54 -8.53
CA LYS B 184 13.14 -16.76 -7.96
C LYS B 184 12.22 -16.60 -6.76
N LEU B 185 12.23 -15.43 -6.12
CA LEU B 185 11.32 -15.18 -5.01
C LEU B 185 9.89 -15.01 -5.49
N MET B 186 9.74 -14.72 -6.78
CA MET B 186 8.42 -14.54 -7.39
C MET B 186 7.98 -15.82 -8.09
N ASP B 187 6.67 -16.05 -8.12
CA ASP B 187 6.09 -17.19 -8.86
C ASP B 187 6.65 -17.19 -10.27
N ALA B 188 7.11 -18.35 -10.73
CA ALA B 188 7.77 -18.47 -12.02
C ALA B 188 6.96 -17.96 -13.20
N ASP B 189 5.64 -18.10 -13.13
CA ASP B 189 4.78 -17.70 -14.24
C ASP B 189 4.33 -16.24 -14.15
N MET B 190 4.88 -15.51 -13.18
CA MET B 190 4.54 -14.10 -13.00
C MET B 190 5.70 -13.16 -13.32
N ASN B 191 6.80 -13.72 -13.83
CA ASN B 191 8.00 -12.95 -14.11
C ASN B 191 8.18 -12.47 -15.55
N GLN B 192 7.23 -12.84 -16.43
CA GLN B 192 7.33 -12.48 -17.84
C GLN B 192 7.62 -11.01 -18.13
N PRO B 193 7.05 -10.09 -17.31
CA PRO B 193 7.34 -8.67 -17.57
C PRO B 193 8.83 -8.31 -17.52
N ILE B 194 9.64 -9.10 -16.81
CA ILE B 194 11.08 -8.88 -16.83
C ILE B 194 11.60 -9.02 -18.25
N LEU B 195 11.24 -10.12 -18.88
CA LEU B 195 11.64 -10.39 -20.25
C LEU B 195 11.03 -9.37 -21.22
N ASP B 196 9.78 -8.97 -20.97
CA ASP B 196 9.12 -7.99 -21.81
C ASP B 196 9.87 -6.66 -21.78
N GLU B 197 10.29 -6.24 -20.59
CA GLU B 197 11.00 -4.97 -20.44
C GLU B 197 12.37 -5.00 -21.11
N LEU B 198 13.04 -6.15 -21.06
CA LEU B 198 14.31 -6.32 -21.78
C LEU B 198 14.09 -6.19 -23.28
N ASP B 199 13.10 -6.90 -23.79
CA ASP B 199 12.76 -6.86 -25.22
C ASP B 199 12.42 -5.45 -25.69
N LYS B 200 11.59 -4.76 -24.91
CA LYS B 200 11.13 -3.42 -25.24
C LYS B 200 12.30 -2.46 -25.43
N ARG B 201 13.38 -2.69 -24.69
CA ARG B 201 14.53 -1.80 -24.75
C ARG B 201 15.68 -2.41 -25.55
N GLU B 202 15.40 -3.53 -26.21
CA GLU B 202 16.39 -4.22 -27.04
C GLU B 202 17.65 -4.56 -26.26
N ILE B 203 17.46 -4.94 -24.99
CA ILE B 203 18.55 -5.45 -24.17
C ILE B 203 18.60 -6.97 -24.36
N PRO B 204 19.70 -7.49 -24.91
CA PRO B 204 19.75 -8.93 -25.18
C PRO B 204 19.77 -9.77 -23.91
N TYR B 205 19.14 -10.94 -23.97
CA TYR B 205 19.25 -11.92 -22.89
C TYR B 205 19.27 -13.34 -23.45
N ARG B 206 19.94 -14.24 -22.74
CA ARG B 206 19.90 -15.66 -23.04
C ARG B 206 19.73 -16.47 -21.75
N LEU B 207 18.68 -17.27 -21.71
CA LEU B 207 18.45 -18.17 -20.57
C LEU B 207 19.02 -19.56 -20.89
N ASN B 208 19.20 -20.38 -19.85
CA ASN B 208 19.84 -21.68 -20.02
C ASN B 208 21.22 -21.51 -20.64
N GLU B 209 21.91 -20.45 -20.22
CA GLU B 209 23.19 -20.08 -20.80
C GLU B 209 24.23 -19.84 -19.70
N GLU B 210 25.47 -20.21 -19.97
CA GLU B 210 26.57 -20.05 -19.01
C GLU B 210 27.87 -19.68 -19.69
N ILE B 211 28.75 -19.01 -18.96
CA ILE B 211 30.11 -18.80 -19.41
C ILE B 211 30.80 -20.15 -19.45
N ASN B 212 31.38 -20.47 -20.60
CA ASN B 212 32.12 -21.71 -20.77
C ASN B 212 33.62 -21.50 -20.64
N ALA B 213 34.12 -20.44 -21.27
CA ALA B 213 35.55 -20.14 -21.20
C ALA B 213 35.81 -18.64 -21.41
N ILE B 214 36.92 -18.17 -20.85
CA ILE B 214 37.30 -16.77 -20.98
C ILE B 214 38.74 -16.64 -21.45
N ASN B 215 38.93 -15.85 -22.50
CA ASN B 215 40.26 -15.57 -23.04
C ASN B 215 40.38 -14.07 -23.27
N GLY B 216 40.86 -13.36 -22.27
CA GLY B 216 40.86 -11.90 -22.32
C GLY B 216 39.44 -11.38 -22.34
N ASN B 217 39.09 -10.65 -23.41
CA ASN B 217 37.75 -10.12 -23.57
C ASN B 217 36.84 -11.05 -24.37
N GLU B 218 37.41 -12.15 -24.85
CA GLU B 218 36.66 -13.10 -25.65
C GLU B 218 36.00 -14.14 -24.75
N ILE B 219 34.67 -14.13 -24.73
CA ILE B 219 33.91 -15.04 -23.89
C ILE B 219 33.24 -16.11 -24.73
N THR B 220 33.54 -17.37 -24.42
CA THR B 220 32.91 -18.50 -25.07
C THR B 220 31.84 -19.08 -24.13
N PHE B 221 30.65 -19.31 -24.65
CA PHE B 221 29.50 -19.70 -23.84
C PHE B 221 29.09 -21.16 -24.03
N LYS B 222 28.29 -21.65 -23.10
CA LYS B 222 27.76 -23.01 -23.12
C LYS B 222 27.00 -23.28 -24.42
N SER B 223 26.24 -22.28 -24.87
CA SER B 223 25.47 -22.39 -26.11
C SER B 223 26.35 -22.59 -27.33
N GLY B 224 27.64 -22.30 -27.19
CA GLY B 224 28.57 -22.35 -28.30
C GLY B 224 28.88 -20.98 -28.86
N LYS B 225 28.07 -19.99 -28.49
CA LYS B 225 28.26 -18.62 -28.94
C LYS B 225 29.58 -18.05 -28.44
N VAL B 226 30.17 -17.16 -29.23
CA VAL B 226 31.39 -16.47 -28.84
C VAL B 226 31.19 -14.96 -28.97
N GLU B 227 31.44 -14.24 -27.89
CA GLU B 227 31.21 -12.79 -27.86
C GLU B 227 32.35 -12.06 -27.19
N HIS B 228 32.52 -10.78 -27.54
CA HIS B 228 33.50 -9.94 -26.86
C HIS B 228 32.80 -9.01 -25.88
N TYR B 229 33.30 -8.95 -24.65
CA TYR B 229 32.74 -8.08 -23.61
C TYR B 229 33.85 -7.26 -22.97
N ASP B 230 33.50 -6.05 -22.53
CA ASP B 230 34.45 -5.17 -21.86
C ASP B 230 34.50 -5.47 -20.37
N MET B 231 33.40 -5.98 -19.83
CA MET B 231 33.28 -6.20 -18.39
C MET B 231 32.25 -7.27 -18.12
N ILE B 232 32.42 -7.97 -16.99
CA ILE B 232 31.47 -8.99 -16.54
C ILE B 232 31.11 -8.73 -15.07
N ILE B 233 29.82 -8.72 -14.76
CA ILE B 233 29.37 -8.65 -13.37
C ILE B 233 28.64 -9.94 -13.03
N GLU B 234 29.21 -10.70 -12.09
CA GLU B 234 28.70 -12.01 -11.72
C GLU B 234 27.79 -11.89 -10.50
N GLY B 235 26.52 -12.25 -10.68
CA GLY B 235 25.56 -12.33 -9.59
C GLY B 235 25.06 -13.76 -9.49
N VAL B 236 25.92 -14.64 -8.98
CA VAL B 236 25.63 -16.07 -8.97
C VAL B 236 25.44 -16.64 -7.57
N GLY B 237 24.72 -15.88 -6.73
CA GLY B 237 24.39 -16.33 -5.40
C GLY B 237 25.39 -15.90 -4.34
N THR B 238 25.06 -16.20 -3.09
CA THR B 238 25.92 -15.86 -1.96
C THR B 238 26.13 -17.08 -1.05
N HIS B 239 27.08 -16.97 -0.14
CA HIS B 239 27.35 -18.00 0.85
C HIS B 239 27.58 -17.35 2.22
N PRO B 240 27.20 -18.04 3.29
CA PRO B 240 27.32 -17.42 4.61
C PRO B 240 28.78 -17.23 5.04
N ASN B 241 29.05 -16.11 5.69
CA ASN B 241 30.37 -15.84 6.25
C ASN B 241 30.52 -16.51 7.61
N SER B 242 30.64 -17.83 7.63
CA SER B 242 30.65 -18.56 8.90
C SER B 242 31.84 -19.49 9.11
N LYS B 243 32.77 -19.54 8.16
CA LYS B 243 33.90 -20.43 8.34
C LYS B 243 34.64 -20.14 9.65
N PHE B 244 34.74 -18.86 10.01
CA PHE B 244 35.46 -18.48 11.23
C PHE B 244 34.79 -18.93 12.52
N ILE B 245 33.55 -19.39 12.41
CA ILE B 245 32.74 -19.82 13.53
C ILE B 245 32.85 -21.34 13.77
N GLU B 246 33.27 -22.08 12.76
CA GLU B 246 33.19 -23.55 12.81
C GLU B 246 33.90 -24.22 14.00
N SER B 247 35.07 -23.72 14.38
CA SER B 247 35.83 -24.34 15.47
C SER B 247 35.23 -24.11 16.86
N SER B 248 34.29 -23.16 16.97
CA SER B 248 33.69 -22.82 18.24
C SER B 248 32.57 -23.79 18.61
N ASN B 249 31.99 -23.61 19.80
CA ASN B 249 30.83 -24.41 20.22
C ASN B 249 29.48 -23.94 19.67
N ILE B 250 29.49 -22.89 18.85
CA ILE B 250 28.24 -22.40 18.27
C ILE B 250 27.72 -23.40 17.24
N LYS B 251 26.44 -23.73 17.35
CA LYS B 251 25.83 -24.68 16.45
C LYS B 251 25.52 -24.04 15.09
N LEU B 252 26.06 -24.64 14.03
CA LEU B 252 25.74 -24.24 12.66
C LEU B 252 24.94 -25.35 12.00
N ASP B 253 24.04 -24.98 11.11
CA ASP B 253 23.33 -25.98 10.30
C ASP B 253 24.21 -26.44 9.13
N ARG B 254 23.74 -27.41 8.36
CA ARG B 254 24.59 -28.03 7.35
C ARG B 254 24.90 -27.10 6.18
N LYS B 255 24.16 -26.00 6.08
CA LYS B 255 24.39 -25.03 5.01
C LYS B 255 25.24 -23.85 5.48
N GLY B 256 25.62 -23.86 6.75
CA GLY B 256 26.53 -22.87 7.30
C GLY B 256 25.89 -21.66 7.96
N PHE B 257 24.59 -21.72 8.23
CA PHE B 257 23.89 -20.64 8.93
C PHE B 257 23.75 -20.97 10.41
N ILE B 258 23.38 -19.97 11.22
CA ILE B 258 23.27 -20.14 12.67
C ILE B 258 21.82 -20.13 13.11
N PRO B 259 21.30 -21.28 13.57
CA PRO B 259 19.92 -21.24 14.08
C PRO B 259 19.86 -20.48 15.41
N VAL B 260 18.84 -19.65 15.58
CA VAL B 260 18.71 -18.86 16.80
C VAL B 260 17.30 -18.97 17.35
N ASN B 261 17.14 -18.71 18.64
CA ASN B 261 15.81 -18.65 19.23
C ASN B 261 15.19 -17.28 19.04
N ASP B 262 14.04 -17.05 19.66
CA ASP B 262 13.31 -15.81 19.41
C ASP B 262 13.93 -14.59 20.06
N LYS B 263 14.97 -14.79 20.86
CA LYS B 263 15.75 -13.69 21.42
C LYS B 263 17.04 -13.48 20.59
N PHE B 264 17.12 -14.16 19.46
CA PHE B 264 18.32 -14.17 18.60
C PHE B 264 19.55 -14.69 19.33
N GLU B 265 19.31 -15.53 20.33
CA GLU B 265 20.41 -16.20 21.02
C GLU B 265 20.84 -17.45 20.27
N THR B 266 22.15 -17.68 20.21
CA THR B 266 22.69 -18.94 19.74
C THR B 266 22.58 -19.97 20.87
N ASN B 267 23.09 -21.17 20.63
CA ASN B 267 23.11 -22.19 21.69
C ASN B 267 24.11 -21.87 22.80
N VAL B 268 25.03 -20.94 22.54
CA VAL B 268 26.08 -20.61 23.51
C VAL B 268 25.70 -19.36 24.30
N PRO B 269 25.75 -19.44 25.63
CA PRO B 269 25.41 -18.30 26.48
C PRO B 269 26.17 -17.02 26.08
N ASN B 270 25.44 -15.92 26.04
CA ASN B 270 26.00 -14.59 25.81
C ASN B 270 26.41 -14.30 24.38
N ILE B 271 26.09 -15.22 23.47
CA ILE B 271 26.37 -15.02 22.04
C ILE B 271 25.09 -14.97 21.22
N TYR B 272 24.88 -13.85 20.53
CA TYR B 272 23.72 -13.63 19.67
C TYR B 272 24.14 -13.66 18.21
N ALA B 273 23.19 -13.95 17.32
CA ALA B 273 23.42 -13.89 15.89
C ALA B 273 22.21 -13.25 15.21
N ILE B 274 22.48 -12.35 14.26
CA ILE B 274 21.44 -11.60 13.58
C ILE B 274 21.80 -11.39 12.11
N GLY B 275 20.84 -10.93 11.32
CA GLY B 275 21.09 -10.66 9.93
C GLY B 275 21.08 -11.90 9.05
N ASP B 276 21.77 -11.84 7.90
CA ASP B 276 21.70 -12.92 6.93
C ASP B 276 22.21 -14.24 7.50
N ILE B 277 23.09 -14.18 8.51
CA ILE B 277 23.68 -15.39 9.04
C ILE B 277 22.71 -16.24 9.85
N ALA B 278 21.62 -15.63 10.32
CA ALA B 278 20.73 -16.27 11.29
C ALA B 278 19.54 -16.95 10.64
N THR B 279 19.15 -18.10 11.17
CA THR B 279 17.90 -18.74 10.76
C THR B 279 16.91 -18.84 11.92
N SER B 280 15.64 -18.74 11.57
CA SER B 280 14.56 -18.70 12.54
C SER B 280 13.40 -19.53 12.00
N HIS B 281 12.18 -19.01 12.12
CA HIS B 281 10.98 -19.72 11.67
C HIS B 281 10.00 -18.71 11.09
N TYR B 282 9.05 -19.21 10.30
CA TYR B 282 7.95 -18.38 9.86
C TYR B 282 7.04 -18.00 11.02
N ARG B 283 6.40 -16.85 10.88
CA ARG B 283 5.44 -16.39 11.87
C ARG B 283 4.09 -17.09 11.73
N HIS B 284 3.71 -17.40 10.49
CA HIS B 284 2.35 -17.85 10.22
C HIS B 284 2.22 -19.36 10.06
N VAL B 285 3.35 -20.04 9.89
CA VAL B 285 3.36 -21.51 9.80
C VAL B 285 4.54 -22.07 10.58
N ASP B 286 4.43 -23.33 10.97
CA ASP B 286 5.45 -23.98 11.80
C ASP B 286 6.57 -24.58 10.94
N LEU B 287 7.29 -23.73 10.24
CA LEU B 287 8.40 -24.16 9.38
C LEU B 287 9.61 -23.25 9.59
N PRO B 288 10.82 -23.79 9.37
CA PRO B 288 12.03 -22.96 9.41
C PRO B 288 11.99 -21.87 8.35
N ALA B 289 12.64 -20.75 8.62
CA ALA B 289 12.72 -19.66 7.66
C ALA B 289 14.02 -18.91 7.79
N SER B 290 14.58 -18.57 6.64
CA SER B 290 15.72 -17.68 6.53
C SER B 290 15.36 -16.62 5.50
N VAL B 291 15.45 -15.34 5.90
CA VAL B 291 15.07 -14.24 5.00
C VAL B 291 16.18 -13.18 5.05
N PRO B 292 17.17 -13.31 4.16
CA PRO B 292 18.37 -12.47 4.18
C PRO B 292 18.11 -11.11 3.54
N LEU B 293 17.30 -10.31 4.23
CA LEU B 293 16.91 -8.99 3.75
C LEU B 293 17.08 -7.95 4.85
N ALA B 294 16.97 -6.68 4.49
CA ALA B 294 17.27 -5.60 5.43
C ALA B 294 16.28 -5.51 6.60
N TRP B 295 14.99 -5.74 6.33
CA TRP B 295 14.00 -5.65 7.39
C TRP B 295 14.38 -6.53 8.57
N GLY B 296 14.74 -7.78 8.28
CA GLY B 296 15.08 -8.74 9.31
C GLY B 296 16.34 -8.37 10.05
N ALA B 297 17.33 -7.83 9.34
CA ALA B 297 18.56 -7.40 9.97
C ALA B 297 18.25 -6.28 10.97
N HIS B 298 17.44 -5.31 10.55
CA HIS B 298 17.09 -4.19 11.42
C HIS B 298 16.16 -4.59 12.59
N ARG B 299 15.24 -5.51 12.34
CA ARG B 299 14.33 -5.91 13.41
C ARG B 299 15.09 -6.71 14.46
N ALA B 300 15.96 -7.61 14.02
CA ALA B 300 16.79 -8.39 14.92
C ALA B 300 17.71 -7.47 15.73
N ALA B 301 18.26 -6.46 15.08
CA ALA B 301 19.14 -5.52 15.76
C ALA B 301 18.41 -4.88 16.95
N SER B 302 17.16 -4.47 16.73
CA SER B 302 16.36 -3.86 17.80
C SER B 302 16.04 -4.84 18.92
N ILE B 303 15.68 -6.06 18.54
CA ILE B 303 15.37 -7.09 19.53
C ILE B 303 16.58 -7.44 20.40
N VAL B 304 17.75 -7.61 19.78
CA VAL B 304 18.95 -7.91 20.55
C VAL B 304 19.32 -6.75 21.49
N ALA B 305 19.13 -5.51 21.02
CA ALA B 305 19.39 -4.36 21.87
C ALA B 305 18.49 -4.37 23.10
N GLU B 306 17.21 -4.69 22.91
CA GLU B 306 16.30 -4.82 24.06
C GLU B 306 16.74 -5.95 24.99
N GLN B 307 17.14 -7.09 24.41
CA GLN B 307 17.57 -8.22 25.21
C GLN B 307 18.74 -7.87 26.10
N ILE B 308 19.69 -7.09 25.57
CA ILE B 308 20.92 -6.80 26.30
C ILE B 308 20.77 -5.62 27.25
N ALA B 309 20.09 -4.57 26.80
CA ALA B 309 20.06 -3.32 27.55
C ALA B 309 18.66 -2.73 27.77
N GLY B 310 17.62 -3.45 27.37
CA GLY B 310 16.27 -2.93 27.50
C GLY B 310 15.28 -3.94 28.05
N ASN B 311 14.09 -3.97 27.43
CA ASN B 311 13.03 -4.87 27.85
C ASN B 311 13.26 -6.25 27.28
N ASP B 312 13.76 -7.16 28.11
CA ASP B 312 14.10 -8.49 27.63
C ASP B 312 12.89 -9.42 27.44
N THR B 313 11.68 -8.89 27.62
CA THR B 313 10.48 -9.65 27.28
C THR B 313 10.14 -9.53 25.79
N ILE B 314 10.82 -8.61 25.10
CA ILE B 314 10.57 -8.41 23.68
C ILE B 314 11.25 -9.51 22.87
N GLU B 315 10.45 -10.30 22.17
CA GLU B 315 10.96 -11.42 21.37
C GLU B 315 10.43 -11.43 19.94
N PHE B 316 11.21 -12.02 19.04
CA PHE B 316 10.84 -12.19 17.64
C PHE B 316 9.61 -13.07 17.54
N LYS B 317 8.74 -12.80 16.57
CA LYS B 317 7.59 -13.64 16.38
C LYS B 317 7.66 -14.43 15.07
N GLY B 318 8.82 -14.38 14.41
CA GLY B 318 8.99 -15.12 13.17
C GLY B 318 8.94 -14.26 11.92
N PHE B 319 9.37 -14.83 10.79
CA PHE B 319 9.40 -14.13 9.51
C PHE B 319 8.14 -14.37 8.69
N LEU B 320 7.78 -13.39 7.88
CA LEU B 320 6.80 -13.63 6.83
C LEU B 320 7.46 -13.71 5.44
N GLY B 321 8.67 -13.20 5.31
CA GLY B 321 9.36 -13.25 4.03
C GLY B 321 8.88 -12.25 2.99
N ASN B 322 8.49 -11.06 3.45
CA ASN B 322 8.06 -10.01 2.54
C ASN B 322 9.26 -9.50 1.74
N ASN B 323 9.10 -9.41 0.43
CA ASN B 323 10.19 -9.01 -0.44
C ASN B 323 9.68 -8.33 -1.69
N ILE B 324 10.54 -7.51 -2.29
CA ILE B 324 10.13 -6.69 -3.42
C ILE B 324 11.32 -6.23 -4.26
N VAL B 325 11.09 -6.07 -5.55
CA VAL B 325 12.09 -5.50 -6.43
C VAL B 325 11.40 -4.72 -7.54
N LYS B 326 12.04 -3.63 -7.94
CA LYS B 326 11.64 -2.87 -9.13
C LYS B 326 12.51 -3.29 -10.32
N PHE B 327 11.90 -3.45 -11.48
CA PHE B 327 12.66 -3.63 -12.70
C PHE B 327 12.02 -2.80 -13.80
N PHE B 328 12.71 -1.72 -14.18
CA PHE B 328 12.15 -0.75 -15.11
C PHE B 328 10.75 -0.31 -14.66
N ASP B 329 9.71 -0.51 -15.47
CA ASP B 329 8.39 0.02 -15.10
C ASP B 329 7.60 -0.84 -14.11
N TYR B 330 8.10 -2.03 -13.80
CA TYR B 330 7.33 -3.00 -13.05
C TYR B 330 7.83 -3.23 -11.62
N THR B 331 6.89 -3.65 -10.76
CA THR B 331 7.18 -4.05 -9.39
C THR B 331 6.80 -5.51 -9.22
N PHE B 332 7.65 -6.25 -8.54
CA PHE B 332 7.44 -7.67 -8.26
C PHE B 332 7.57 -7.86 -6.75
N ALA B 333 6.48 -8.21 -6.08
CA ALA B 333 6.51 -8.37 -4.63
C ALA B 333 5.82 -9.65 -4.17
N SER B 334 6.32 -10.26 -3.09
CA SER B 334 5.66 -11.44 -2.55
C SER B 334 5.88 -11.56 -1.05
N VAL B 335 5.06 -12.36 -0.40
CA VAL B 335 5.14 -12.55 1.04
C VAL B 335 4.63 -13.95 1.39
N GLY B 336 5.20 -14.55 2.43
CA GLY B 336 4.78 -15.86 2.88
C GLY B 336 5.79 -16.94 2.49
N VAL B 337 5.36 -18.19 2.51
CA VAL B 337 6.24 -19.31 2.16
C VAL B 337 6.64 -19.24 0.69
N LYS B 338 7.78 -19.85 0.38
CA LYS B 338 8.29 -19.87 -1.00
C LYS B 338 7.47 -20.83 -1.86
N PRO B 339 7.48 -20.61 -3.19
CA PRO B 339 6.76 -21.52 -4.07
C PRO B 339 7.09 -22.99 -3.78
N ASN B 340 8.36 -23.29 -3.53
CA ASN B 340 8.79 -24.67 -3.28
C ASN B 340 8.28 -25.25 -1.96
N GLU B 341 7.79 -24.39 -1.08
CA GLU B 341 7.33 -24.81 0.24
C GLU B 341 5.82 -25.05 0.29
N LEU B 342 5.11 -24.61 -0.75
CA LEU B 342 3.66 -24.79 -0.79
C LEU B 342 3.27 -26.27 -0.68
N LYS B 343 4.11 -27.15 -1.21
CA LYS B 343 3.80 -28.58 -1.25
C LYS B 343 3.68 -29.24 0.12
N GLN B 344 4.17 -28.56 1.16
CA GLN B 344 4.07 -29.07 2.52
C GLN B 344 2.67 -28.84 3.10
N PHE B 345 1.80 -28.22 2.29
CA PHE B 345 0.43 -27.94 2.70
C PHE B 345 -0.57 -28.44 1.68
N ASP B 346 -1.78 -28.70 2.13
CA ASP B 346 -2.92 -28.84 1.23
C ASP B 346 -3.38 -27.41 0.99
N TYR B 347 -3.29 -26.95 -0.25
CA TYR B 347 -3.57 -25.54 -0.53
C TYR B 347 -4.40 -25.32 -1.79
N LYS B 348 -4.94 -24.11 -1.90
CA LYS B 348 -5.63 -23.67 -3.11
C LYS B 348 -5.09 -22.30 -3.48
N MET B 349 -5.25 -21.93 -4.75
CA MET B 349 -4.76 -20.66 -5.24
C MET B 349 -5.93 -19.87 -5.83
N VAL B 350 -5.94 -18.56 -5.56
CA VAL B 350 -6.96 -17.67 -6.10
C VAL B 350 -6.21 -16.48 -6.67
N GLU B 351 -6.68 -15.90 -7.77
CA GLU B 351 -6.00 -14.75 -8.35
C GLU B 351 -6.95 -13.81 -9.07
N VAL B 352 -6.52 -12.56 -9.21
CA VAL B 352 -7.28 -11.56 -9.93
C VAL B 352 -6.33 -10.63 -10.68
N THR B 353 -6.72 -10.24 -11.88
CA THR B 353 -6.03 -9.22 -12.63
C THR B 353 -7.02 -8.11 -12.92
N GLN B 354 -6.66 -6.90 -12.52
CA GLN B 354 -7.55 -5.75 -12.59
C GLN B 354 -6.69 -4.50 -12.60
N GLY B 355 -7.23 -3.39 -13.08
CA GLY B 355 -6.50 -2.14 -13.03
C GLY B 355 -6.12 -1.84 -11.58
N ALA B 356 -4.96 -1.23 -11.39
CA ALA B 356 -4.54 -0.84 -10.05
C ALA B 356 -5.50 0.19 -9.47
N HIS B 357 -6.13 0.97 -10.34
CA HIS B 357 -7.09 1.95 -9.89
C HIS B 357 -8.24 2.02 -10.86
N ALA B 358 -9.10 3.03 -10.69
CA ALA B 358 -10.31 3.16 -11.51
C ALA B 358 -10.03 2.91 -12.99
N ASN B 359 -10.76 1.97 -13.57
CA ASN B 359 -10.60 1.61 -14.97
C ASN B 359 -10.74 2.82 -15.88
N PHE B 360 -11.72 3.67 -15.57
CA PHE B 360 -11.94 4.88 -16.35
C PHE B 360 -10.84 5.92 -16.11
N TYR B 361 -10.06 5.71 -15.06
CA TYR B 361 -9.06 6.70 -14.66
C TYR B 361 -7.70 6.46 -15.33
N PRO B 362 -7.12 7.52 -15.90
CA PRO B 362 -5.89 7.52 -16.70
C PRO B 362 -4.69 6.92 -15.98
N GLY B 363 -3.65 6.61 -16.76
CA GLY B 363 -2.41 6.07 -16.22
C GLY B 363 -2.59 4.72 -15.57
N ASN B 364 -3.68 4.04 -15.92
CA ASN B 364 -3.97 2.74 -15.32
C ASN B 364 -3.10 1.63 -15.92
N SER B 365 -2.87 0.59 -15.12
CA SER B 365 -2.06 -0.54 -15.55
C SER B 365 -2.55 -1.79 -14.84
N PRO B 366 -2.57 -2.92 -15.56
CA PRO B 366 -3.08 -4.17 -15.00
C PRO B 366 -2.21 -4.70 -13.86
N LEU B 367 -2.82 -4.92 -12.70
CA LEU B 367 -2.13 -5.47 -11.54
C LEU B 367 -2.59 -6.92 -11.32
N HIS B 368 -1.63 -7.84 -11.23
CA HIS B 368 -1.95 -9.25 -11.01
C HIS B 368 -1.66 -9.61 -9.56
N LEU B 369 -2.70 -10.01 -8.82
CA LEU B 369 -2.58 -10.42 -7.43
C LEU B 369 -2.99 -11.87 -7.27
N ARG B 370 -2.11 -12.65 -6.62
CA ARG B 370 -2.34 -14.08 -6.41
C ARG B 370 -2.19 -14.41 -4.94
N VAL B 371 -3.09 -15.23 -4.42
CA VAL B 371 -3.08 -15.63 -3.02
C VAL B 371 -3.26 -17.14 -2.87
N TYR B 372 -2.38 -17.76 -2.08
CA TYR B 372 -2.47 -19.18 -1.76
C TYR B 372 -2.96 -19.32 -0.33
N TYR B 373 -3.93 -20.21 -0.09
CA TYR B 373 -4.38 -20.46 1.26
C TYR B 373 -4.43 -21.94 1.62
N ASP B 374 -4.33 -22.21 2.92
CA ASP B 374 -4.34 -23.55 3.49
C ASP B 374 -5.78 -24.03 3.55
N THR B 375 -6.07 -25.21 2.98
CA THR B 375 -7.45 -25.69 2.96
C THR B 375 -7.93 -26.17 4.34
N SER B 376 -6.98 -26.52 5.20
CA SER B 376 -7.32 -27.05 6.52
C SER B 376 -7.89 -25.98 7.47
N ASN B 377 -7.49 -24.73 7.27
CA ASN B 377 -7.89 -23.65 8.19
C ASN B 377 -8.17 -22.31 7.52
N ARG B 378 -8.13 -22.30 6.19
CA ARG B 378 -8.42 -21.11 5.39
C ARG B 378 -7.40 -19.99 5.59
N GLN B 379 -6.28 -20.29 6.24
CA GLN B 379 -5.26 -19.26 6.49
C GLN B 379 -4.40 -18.98 5.25
N ILE B 380 -3.99 -17.72 5.10
CA ILE B 380 -3.18 -17.32 3.95
C ILE B 380 -1.73 -17.82 4.11
N LEU B 381 -1.22 -18.48 3.07
CA LEU B 381 0.12 -19.07 3.08
C LEU B 381 1.14 -18.22 2.35
N ARG B 382 0.73 -17.63 1.23
CA ARG B 382 1.60 -16.89 0.33
C ARG B 382 0.76 -15.94 -0.52
N ALA B 383 1.33 -14.79 -0.84
CA ALA B 383 0.72 -13.86 -1.78
C ALA B 383 1.78 -13.27 -2.68
N ALA B 384 1.41 -12.98 -3.93
CA ALA B 384 2.37 -12.38 -4.86
C ALA B 384 1.64 -11.39 -5.77
N ALA B 385 2.32 -10.31 -6.12
CA ALA B 385 1.72 -9.28 -6.97
C ALA B 385 2.73 -8.70 -7.92
N VAL B 386 2.33 -8.52 -9.18
CA VAL B 386 3.18 -7.94 -10.19
C VAL B 386 2.37 -6.92 -10.98
N GLY B 387 2.93 -5.73 -11.15
CA GLY B 387 2.33 -4.73 -12.02
C GLY B 387 3.09 -3.42 -12.01
N LYS B 388 2.73 -2.52 -12.91
CA LYS B 388 3.38 -1.23 -12.94
C LYS B 388 2.99 -0.38 -11.73
N GLU B 389 1.81 -0.64 -11.18
CA GLU B 389 1.26 0.15 -10.09
C GLU B 389 0.53 -0.68 -9.03
N GLY B 390 0.76 -0.33 -7.76
CA GLY B 390 -0.05 -0.84 -6.67
C GLY B 390 0.33 -2.17 -6.05
N ALA B 391 1.39 -2.80 -6.56
CA ALA B 391 1.79 -4.11 -6.06
C ALA B 391 2.35 -4.06 -4.63
N ASP B 392 3.18 -3.05 -4.36
CA ASP B 392 3.72 -2.86 -3.01
C ASP B 392 2.60 -2.65 -2.00
N LYS B 393 1.58 -1.89 -2.39
CA LYS B 393 0.46 -1.63 -1.49
C LYS B 393 -0.28 -2.91 -1.15
N ARG B 394 -0.61 -3.72 -2.16
CA ARG B 394 -1.36 -4.94 -1.90
C ARG B 394 -0.55 -5.93 -1.06
N ILE B 395 0.74 -6.06 -1.35
CA ILE B 395 1.55 -7.02 -0.60
C ILE B 395 1.77 -6.59 0.86
N ASP B 396 1.95 -5.29 1.12
CA ASP B 396 2.06 -4.82 2.50
C ASP B 396 0.75 -5.05 3.28
N VAL B 397 -0.39 -4.81 2.64
CA VAL B 397 -1.65 -5.08 3.30
C VAL B 397 -1.77 -6.55 3.65
N LEU B 398 -1.39 -7.41 2.71
CA LEU B 398 -1.45 -8.84 2.96
C LEU B 398 -0.44 -9.32 4.01
N SER B 399 0.72 -8.68 4.08
CA SER B 399 1.66 -8.95 5.17
C SER B 399 1.00 -8.69 6.54
N MET B 400 0.30 -7.56 6.65
CA MET B 400 -0.39 -7.23 7.89
C MET B 400 -1.53 -8.23 8.17
N ALA B 401 -2.23 -8.66 7.13
CA ALA B 401 -3.27 -9.68 7.29
C ALA B 401 -2.68 -10.97 7.86
N MET B 402 -1.57 -11.42 7.29
CA MET B 402 -0.95 -12.66 7.73
C MET B 402 -0.42 -12.57 9.17
N MET B 403 0.03 -11.38 9.56
CA MET B 403 0.49 -11.10 10.92
C MET B 403 -0.66 -11.32 11.90
N ASN B 404 -1.89 -11.13 11.42
CA ASN B 404 -3.09 -11.17 12.24
C ASN B 404 -3.91 -12.46 12.08
N GLN B 405 -3.31 -13.45 11.43
CA GLN B 405 -3.94 -14.75 11.25
C GLN B 405 -5.28 -14.64 10.54
N LEU B 406 -5.34 -13.77 9.54
CA LEU B 406 -6.58 -13.57 8.80
C LEU B 406 -6.83 -14.74 7.85
N THR B 407 -8.09 -15.13 7.71
CA THR B 407 -8.41 -16.15 6.72
C THR B 407 -8.62 -15.47 5.37
N VAL B 408 -8.48 -16.25 4.30
CA VAL B 408 -8.68 -15.71 2.96
C VAL B 408 -10.09 -15.13 2.82
N ASP B 409 -11.04 -15.74 3.51
CA ASP B 409 -12.44 -15.32 3.38
C ASP B 409 -12.67 -13.96 4.01
N GLU B 410 -11.91 -13.67 5.07
CA GLU B 410 -12.03 -12.38 5.74
C GLU B 410 -11.54 -11.22 4.88
N LEU B 411 -10.83 -11.51 3.79
CA LEU B 411 -10.37 -10.44 2.90
C LEU B 411 -11.52 -9.63 2.29
N THR B 412 -12.71 -10.22 2.22
CA THR B 412 -13.87 -9.47 1.75
C THR B 412 -14.19 -8.31 2.67
N GLU B 413 -13.71 -8.36 3.91
CA GLU B 413 -14.03 -7.36 4.92
C GLU B 413 -13.01 -6.24 5.01
N PHE B 414 -11.90 -6.38 4.29
CA PHE B 414 -10.88 -5.33 4.26
C PHE B 414 -11.46 -4.03 3.71
N GLU B 415 -11.41 -2.97 4.51
CA GLU B 415 -11.96 -1.69 4.09
C GLU B 415 -10.87 -0.83 3.45
N VAL B 416 -10.86 -0.81 2.13
CA VAL B 416 -9.84 -0.10 1.37
C VAL B 416 -10.10 1.39 1.34
N ALA B 417 -9.05 2.17 1.14
CA ALA B 417 -9.19 3.59 0.88
C ALA B 417 -9.46 3.78 -0.60
N PHE B 418 -10.71 4.11 -0.93
CA PHE B 418 -11.08 4.28 -2.34
C PHE B 418 -11.39 5.69 -2.81
N ALA B 419 -10.66 6.08 -3.84
CA ALA B 419 -11.01 7.17 -4.75
C ALA B 419 -10.38 6.76 -6.07
N PRO B 420 -10.81 7.37 -7.18
CA PRO B 420 -10.37 6.84 -8.48
C PRO B 420 -8.87 6.62 -8.71
N PRO B 421 -8.00 7.50 -8.20
CA PRO B 421 -6.56 7.31 -8.45
C PRO B 421 -5.96 6.13 -7.70
N TYR B 422 -6.69 5.51 -6.79
CA TYR B 422 -6.06 4.59 -5.83
C TYR B 422 -6.45 3.11 -5.85
N SER B 423 -7.71 2.81 -6.14
CA SER B 423 -8.21 1.45 -5.98
C SER B 423 -9.59 1.32 -6.62
N HIS B 424 -10.39 0.38 -6.13
CA HIS B 424 -11.78 0.16 -6.57
C HIS B 424 -12.66 -0.01 -5.34
N PRO B 425 -13.99 0.23 -5.47
CA PRO B 425 -14.89 0.00 -4.34
C PRO B 425 -14.78 -1.43 -3.79
N LYS B 426 -14.62 -2.42 -4.66
CA LYS B 426 -14.14 -3.74 -4.24
C LYS B 426 -12.71 -3.89 -4.73
N ASP B 427 -11.76 -3.75 -3.82
CA ASP B 427 -10.36 -3.81 -4.22
C ASP B 427 -9.97 -5.20 -4.67
N LEU B 428 -8.82 -5.31 -5.33
CA LEU B 428 -8.27 -6.62 -5.67
C LEU B 428 -8.24 -7.54 -4.45
N ILE B 429 -7.83 -6.99 -3.30
CA ILE B 429 -7.82 -7.77 -2.08
C ILE B 429 -9.21 -8.31 -1.71
N ASN B 430 -10.25 -7.47 -1.85
CA ASN B 430 -11.61 -7.93 -1.60
C ASN B 430 -11.99 -9.03 -2.58
N MET B 431 -11.64 -8.84 -3.85
CA MET B 431 -11.97 -9.80 -4.90
C MET B 431 -11.34 -11.17 -4.65
N ILE B 432 -10.13 -11.19 -4.09
CA ILE B 432 -9.55 -12.46 -3.67
C ILE B 432 -10.48 -13.16 -2.68
N GLY B 433 -10.98 -12.41 -1.70
CA GLY B 433 -11.89 -12.96 -0.72
C GLY B 433 -13.17 -13.51 -1.33
N TYR B 434 -13.76 -12.74 -2.24
CA TYR B 434 -14.99 -13.18 -2.88
C TYR B 434 -14.77 -14.40 -3.76
N LYS B 435 -13.62 -14.46 -4.42
CA LYS B 435 -13.35 -15.54 -5.36
C LYS B 435 -12.88 -16.84 -4.71
N ALA B 436 -12.54 -16.78 -3.42
CA ALA B 436 -11.94 -17.92 -2.73
C ALA B 436 -12.82 -19.18 -2.80
N LYS B 437 -13.38 -19.59 -1.67
CA LYS B 437 -14.27 -20.74 -1.63
C LYS B 437 -13.58 -22.04 -2.06
MG MG C . -16.15 -17.00 -15.68
CL CL D . -17.32 5.28 -10.01
CL CL E . -31.75 -1.21 14.02
CL CL F . -49.43 -1.14 3.75
N1A COA G . -17.45 -13.31 -6.50
C2A COA G . -16.52 -13.54 -7.44
N3A COA G . -16.34 -12.62 -8.49
C4A COA G . -17.15 -11.45 -8.54
C5A COA G . -18.08 -11.21 -7.59
C6A COA G . -18.27 -12.13 -6.55
N6A COA G . -19.26 -11.91 -5.51
N7A COA G . -18.71 -9.99 -7.91
C8A COA G . -18.11 -9.47 -9.11
N9A COA G . -17.17 -10.35 -9.50
C1B COA G . -16.29 -10.22 -10.67
C2B COA G . -16.98 -10.71 -11.90
O2B COA G . -17.10 -12.10 -12.03
C3B COA G . -16.22 -10.00 -12.94
O3B COA G . -15.01 -10.56 -13.35
P3B COA G . -14.62 -10.39 -14.95
O7A COA G . -13.43 -11.46 -15.35
O8A COA G . -14.14 -8.84 -15.22
O9A COA G . -15.82 -10.67 -15.75
C4B COA G . -16.14 -8.55 -12.37
O4B COA G . -16.00 -8.81 -10.90
C5B COA G . -17.33 -7.65 -12.75
O5B COA G . -18.59 -8.27 -12.56
P1A COA G . -19.92 -7.32 -12.19
O1A COA G . -20.06 -6.09 -13.28
O2A COA G . -21.13 -8.14 -12.18
O3A COA G . -19.63 -6.71 -10.66
P2A COA G . -20.83 -6.05 -9.67
O4A COA G . -20.02 -5.23 -8.49
O5A COA G . -21.69 -7.11 -9.13
O6A COA G . -21.75 -4.92 -10.50
CBP COA G . -21.98 -2.72 -11.70
CCP COA G . -21.18 -4.04 -11.46
CDP COA G . -21.14 -1.72 -12.48
CEP COA G . -23.26 -3.04 -12.46
CAP COA G . -22.37 -2.11 -10.30
OAP COA G . -21.35 -2.20 -9.35
C9P COA G . -22.89 -0.64 -10.43
O9P COA G . -23.86 -0.40 -11.09
N8P COA G . -22.04 0.45 -9.95
C7P COA G . -22.44 1.86 -10.11
C6P COA G . -21.29 2.86 -9.82
C5P COA G . -20.35 2.49 -8.67
O5P COA G . -20.15 1.36 -8.36
N4P COA G . -19.89 3.53 -7.78
C3P COA G . -18.77 3.24 -6.90
C2P COA G . -17.87 4.45 -6.73
S1P COA G . -18.84 5.97 -6.79
PA FAD H . -26.21 6.35 -5.28
O1A FAD H . -26.13 7.97 -5.36
O2A FAD H . -25.08 5.67 -5.92
O5B FAD H . -27.57 5.75 -5.97
C5B FAD H . -28.82 6.06 -5.39
C4B FAD H . -29.86 6.09 -6.51
O4B FAD H . -31.23 5.96 -5.99
C3B FAD H . -29.87 7.39 -7.39
O3B FAD H . -29.62 7.15 -8.75
C2B FAD H . -31.23 7.99 -7.13
O2B FAD H . -31.75 8.77 -8.18
C1B FAD H . -32.03 6.78 -6.81
N9A FAD H . -33.21 7.10 -6.02
C8A FAD H . -33.26 7.84 -4.90
N7A FAD H . -34.66 7.84 -4.43
C5A FAD H . -35.37 7.08 -5.32
C6A FAD H . -36.78 6.72 -5.38
N6A FAD H . -37.71 7.24 -4.37
N1A FAD H . -37.22 5.90 -6.43
C2A FAD H . -36.35 5.42 -7.42
N3A FAD H . -34.96 5.78 -7.37
C4A FAD H . -34.51 6.61 -6.31
N1 FAD H . -17.27 7.54 -2.69
C2 FAD H . -15.98 7.00 -2.44
O2 FAD H . -15.88 6.02 -1.78
N3 FAD H . -14.84 7.54 -3.11
C4 FAD H . -14.96 8.61 -4.02
O4 FAD H . -13.84 9.11 -4.68
C4X FAD H . -16.27 9.17 -4.26
N5 FAD H . -16.43 10.22 -5.16
C5X FAD H . -17.70 10.72 -5.38
C6 FAD H . -17.85 11.83 -6.34
C7 FAD H . -19.18 12.36 -6.58
C7M FAD H . -19.32 13.50 -7.61
C8 FAD H . -20.31 11.80 -5.91
C8M FAD H . -21.71 12.34 -6.22
C9 FAD H . -20.16 10.69 -4.95
C9A FAD H . -18.83 10.17 -4.71
N10 FAD H . -18.65 9.14 -3.82
C10 FAD H . -17.38 8.62 -3.61
C1' FAD H . -19.75 8.62 -3.01
C2' FAD H . -20.37 7.34 -3.59
O2' FAD H . -20.72 7.57 -4.91
C3' FAD H . -21.56 6.91 -2.70
O3' FAD H . -21.19 6.62 -1.38
C4' FAD H . -22.37 5.81 -3.40
O4' FAD H . -22.83 6.24 -4.66
C5' FAD H . -23.56 5.38 -2.50
O5' FAD H . -24.36 4.39 -3.11
P FAD H . -25.98 4.56 -2.97
O1P FAD H . -26.61 3.30 -3.77
O2P FAD H . -26.35 4.65 -1.56
O3P FAD H . -26.32 6.01 -3.67
CL CL I . 20.90 0.91 2.10
MG MG J . 40.29 -23.19 20.74
MG MG K . -10.92 -8.75 -16.21
CL CL L . -9.39 -11.70 -13.00
CL CL M . 37.78 -21.23 23.84
N1A COA N . 12.99 4.50 18.69
C2A COA N . 12.58 5.71 18.29
N3A COA N . 13.25 6.38 17.24
C4A COA N . 14.39 5.78 16.63
C5A COA N . 14.81 4.56 17.03
C6A COA N . 14.12 3.89 18.06
N6A COA N . 14.58 2.57 18.49
N7A COA N . 15.93 4.20 16.25
C8A COA N . 16.18 5.27 15.32
N9A COA N . 15.28 6.22 15.53
C1B COA N . 15.15 7.50 14.79
C2B COA N . 15.59 8.68 15.60
O2B COA N . 14.73 9.78 15.68
C3B COA N . 17.01 8.92 15.26
O3B COA N . 17.46 10.24 15.40
P3B COA N . 17.38 11.02 16.86
O7A COA N . 17.06 9.94 18.06
O8A COA N . 16.18 12.17 16.80
O9A COA N . 18.66 11.68 17.13
C4B COA N . 17.20 8.33 13.84
O4B COA N . 15.96 7.50 13.57
C5B COA N . 18.53 7.61 13.59
O5B COA N . 18.97 6.70 14.59
P1A COA N . 19.99 5.48 14.09
O1A COA N . 19.15 4.06 14.10
O2A COA N . 21.14 5.38 14.99
O3A COA N . 20.50 5.83 12.54
P2A COA N . 22.10 6.21 12.26
O4A COA N . 22.64 7.39 13.29
O5A COA N . 22.26 6.65 10.88
O6A COA N . 22.99 4.80 12.48
CBP COA N . 23.44 3.05 10.68
CCP COA N . 22.51 3.63 11.79
CDP COA N . 23.23 3.82 9.39
CEP COA N . 24.90 3.20 11.14
CAP COA N . 23.10 1.54 10.46
OAP COA N . 21.71 1.34 10.26
C9P COA N . 23.94 0.90 9.31
O9P COA N . 25.13 0.88 9.33
N8P COA N . 23.24 0.57 8.06
C7P COA N . 23.99 -0.04 6.94
C6P COA N . 23.17 -0.15 5.63
C5P COA N . 21.72 -0.60 5.79
O5P COA N . 21.28 -0.85 6.87
N4P COA N . 20.83 -0.46 4.67
C3P COA N . 19.45 -0.94 4.75
C2P COA N . 19.02 -1.74 3.54
S1P COA N . 20.37 -2.69 2.76
PA FAD O . 26.02 -7.08 5.83
O1A FAD O . 26.59 -7.57 4.38
O2A FAD O . 25.21 -5.87 5.81
O5B FAD O . 27.29 -6.81 6.83
C5B FAD O . 28.07 -7.93 7.21
C4B FAD O . 29.51 -7.46 7.46
O4B FAD O . 30.27 -8.42 8.27
C3B FAD O . 30.36 -7.18 6.18
O3B FAD O . 30.77 -5.84 6.02
C2B FAD O . 31.51 -8.16 6.31
O2B FAD O . 32.70 -7.76 5.67
C1B FAD O . 31.60 -8.32 7.78
N9A FAD O . 32.21 -9.58 8.17
C8A FAD O . 31.89 -10.82 7.77
N7A FAD O . 32.77 -11.75 8.47
C5A FAD O . 33.60 -11.01 9.27
C6A FAD O . 34.66 -11.37 10.18
N6A FAD O . 35.00 -12.78 10.35
N1A FAD O . 35.33 -10.35 10.89
C2A FAD O . 35.00 -8.99 10.72
N3A FAD O . 33.94 -8.61 9.80
C4A FAD O . 33.27 -9.65 9.11
N1 FAD O . 17.83 -6.27 1.18
C2 FAD O . 16.50 -5.77 1.13
O2 FAD O . 15.75 -5.93 2.04
N3 FAD O . 16.11 -4.96 0.04
C4 FAD O . 17.01 -4.62 -0.98
O4 FAD O . 16.61 -3.80 -2.03
C4X FAD O . 18.36 -5.13 -0.94
N5 FAD O . 19.24 -4.79 -1.95
C5X FAD O . 20.54 -5.28 -1.88
C6 FAD O . 21.50 -4.91 -2.95
C7 FAD O . 22.85 -5.41 -2.88
C7M FAD O . 23.87 -5.02 -3.99
C8 FAD O . 23.25 -6.23 -1.78
C8M FAD O . 24.71 -6.69 -1.66
C9 FAD O . 22.30 -6.59 -0.69
C9A FAD O . 20.94 -6.09 -0.78
N10 FAD O . 20.04 -6.42 0.21
C10 FAD O . 18.73 -5.93 0.15
C1' FAD O . 20.39 -7.33 1.30
C2' FAD O . 20.74 -6.60 2.60
O2' FAD O . 21.73 -5.66 2.35
C3' FAD O . 21.11 -7.65 3.68
O3' FAD O . 20.04 -8.48 4.05
C4' FAD O . 21.81 -6.97 4.87
O4' FAD O . 22.96 -6.27 4.47
C5' FAD O . 22.17 -8.05 5.90
O5' FAD O . 22.81 -7.49 7.02
P FAD O . 24.10 -8.29 7.64
O1P FAD O . 24.63 -7.39 8.88
O2P FAD O . 23.73 -9.67 7.94
O3P FAD O . 25.20 -8.40 6.42
#